data_3SF4
#
_entry.id   3SF4
#
_cell.length_a   124.815
_cell.length_b   124.815
_cell.length_c   233.851
_cell.angle_alpha   90.00
_cell.angle_beta   90.00
_cell.angle_gamma   90.00
#
_symmetry.space_group_name_H-M   'P 41 21 2'
#
loop_
_entity.id
_entity.type
_entity.pdbx_description
1 polymer 'G-protein-signaling modulator 2'
2 polymer 'Protein inscuteable homolog'
3 water water
#
loop_
_entity_poly.entity_id
_entity_poly.type
_entity_poly.pdbx_seq_one_letter_code
_entity_poly.pdbx_strand_id
1 'polypeptide(L)'
;GPGSMEASCLELALEGERLCKSGDCRAGVSFFEAAVQVGTEDLKTLSAIYSQLGNAYFYLHDYAKALEYHHHDLTLARTI
GDQLGEAKASGNLGNTLKVLGNFDEAIVCCQRHLDISRELNDKVGEARALYNLGNVYHAKGKSFGCPGPQDVGEFPEEVR
DALQAAVDFYEENLSLVTALGDRAAQGRAFGNLGNTHYLLGNFRDAVIAHEQRLLIAKEFGDKAAERRAYSNLGNAYIFL
GEFETASEYYKKTLLLARQLKDRAVEAQSCYSLGNTYTLLQDYEKAIDYHLKHLAIAQELNDRIGEGRACWSLGNAYTAL
GNHDQAMHFAEKHLEISREVGDKSGELTARLNLSDLQMVLGLSYSTNNSIMSENTEIDSSLNGVRPKLGRRHSMENMELM
KLTPEK
;
A,B,C
2 'polypeptide(L)' GPLGSMQVDSVQRWMEDLKLMTECECMCVLQAKPISLEEDAQGDLILAGGPG D,E,F
#
# COMPACT_ATOMS: atom_id res chain seq x y z
N MET A 5 30.34 39.32 5.45
CA MET A 5 30.57 38.21 4.47
C MET A 5 29.25 37.53 4.10
N GLU A 6 28.39 38.25 3.39
CA GLU A 6 27.09 37.72 2.96
C GLU A 6 27.30 36.50 2.07
N ALA A 7 26.61 35.40 2.40
CA ALA A 7 26.72 34.14 1.67
C ALA A 7 26.59 34.24 0.15
N SER A 8 27.33 33.37 -0.55
CA SER A 8 27.28 33.34 -2.00
C SER A 8 26.21 32.35 -2.45
N CYS A 9 25.74 32.53 -3.68
CA CYS A 9 24.73 31.68 -4.27
C CYS A 9 25.10 30.21 -4.08
N LEU A 10 26.30 29.85 -4.52
CA LEU A 10 26.76 28.47 -4.40
C LEU A 10 26.75 27.90 -2.98
N GLU A 11 27.08 28.72 -1.99
CA GLU A 11 27.10 28.26 -0.61
C GLU A 11 25.69 27.95 -0.13
N LEU A 12 24.76 28.87 -0.40
CA LEU A 12 23.38 28.68 0.00
C LEU A 12 22.85 27.43 -0.70
N ALA A 13 23.19 27.28 -1.97
CA ALA A 13 22.77 26.14 -2.77
C ALA A 13 23.21 24.81 -2.18
N LEU A 14 24.49 24.71 -1.81
CA LEU A 14 25.02 23.47 -1.24
C LEU A 14 24.35 23.13 0.10
N GLU A 15 23.93 24.16 0.83
CA GLU A 15 23.28 23.94 2.12
C GLU A 15 21.87 23.40 1.86
N GLY A 16 21.19 23.99 0.87
CA GLY A 16 19.86 23.53 0.53
C GLY A 16 19.95 22.08 0.08
N GLU A 17 20.99 21.78 -0.68
CA GLU A 17 21.18 20.42 -1.18
C GLU A 17 21.36 19.42 -0.06
N ARG A 18 22.26 19.69 0.90
CA ARG A 18 22.42 18.72 1.97
C ARG A 18 21.20 18.70 2.88
N LEU A 19 20.51 19.83 2.99
CA LEU A 19 19.31 19.88 3.83
C LEU A 19 18.27 18.94 3.28
N CYS A 20 18.08 18.97 1.96
CA CYS A 20 17.11 18.09 1.32
C CYS A 20 17.57 16.64 1.39
N LYS A 21 18.87 16.40 1.26
CA LYS A 21 19.38 15.04 1.34
C LYS A 21 19.18 14.45 2.73
N SER A 22 18.92 15.31 3.71
CA SER A 22 18.72 14.85 5.09
C SER A 22 17.24 14.75 5.45
N GLY A 23 16.36 14.85 4.45
CA GLY A 23 14.93 14.75 4.71
C GLY A 23 14.21 16.06 5.00
N ASP A 24 14.93 17.11 5.35
CA ASP A 24 14.29 18.38 5.64
C ASP A 24 14.24 19.33 4.45
N CYS A 25 13.36 19.00 3.50
CA CYS A 25 13.20 19.83 2.30
C CYS A 25 12.61 21.18 2.61
N ARG A 26 11.80 21.25 3.66
CA ARG A 26 11.18 22.52 4.04
C ARG A 26 12.25 23.59 4.29
N ALA A 27 13.38 23.18 4.86
CA ALA A 27 14.47 24.12 5.13
C ALA A 27 15.31 24.31 3.86
N GLY A 28 15.63 23.20 3.18
CA GLY A 28 16.42 23.27 1.97
C GLY A 28 15.80 24.26 0.99
N VAL A 29 14.48 24.18 0.86
CA VAL A 29 13.75 25.08 -0.02
C VAL A 29 14.17 26.52 0.28
N SER A 30 14.18 26.87 1.55
CA SER A 30 14.57 28.21 1.98
C SER A 30 15.90 28.66 1.43
N PHE A 31 16.91 27.82 1.58
CA PHE A 31 18.24 28.15 1.09
C PHE A 31 18.27 28.27 -0.42
N PHE A 32 17.63 27.33 -1.12
CA PHE A 32 17.57 27.36 -2.57
C PHE A 32 16.91 28.66 -3.04
N GLU A 33 15.84 29.05 -2.34
CA GLU A 33 15.12 30.28 -2.67
C GLU A 33 16.03 31.49 -2.53
N ALA A 34 16.79 31.51 -1.44
CA ALA A 34 17.73 32.60 -1.17
C ALA A 34 18.81 32.66 -2.26
N ALA A 35 19.38 31.52 -2.58
CA ALA A 35 20.42 31.44 -3.61
C ALA A 35 19.96 32.05 -4.94
N VAL A 36 18.70 31.83 -5.28
CA VAL A 36 18.15 32.39 -6.51
C VAL A 36 18.13 33.91 -6.40
N GLN A 37 17.77 34.40 -5.22
CA GLN A 37 17.72 35.83 -4.96
C GLN A 37 19.11 36.48 -5.09
N VAL A 38 20.13 35.79 -4.59
CA VAL A 38 21.49 36.29 -4.67
C VAL A 38 21.94 36.31 -6.13
N GLY A 39 21.62 35.24 -6.86
CA GLY A 39 21.97 35.15 -8.26
C GLY A 39 23.35 34.65 -8.61
N THR A 40 23.47 34.21 -9.86
CA THR A 40 24.73 33.69 -10.38
C THR A 40 24.70 33.80 -11.89
N GLU A 41 25.87 33.72 -12.51
CA GLU A 41 25.95 33.80 -13.96
C GLU A 41 26.22 32.40 -14.47
N ASP A 42 26.43 31.48 -13.54
CA ASP A 42 26.66 30.09 -13.91
C ASP A 42 25.29 29.47 -14.12
N LEU A 43 24.78 29.57 -15.34
CA LEU A 43 23.48 29.03 -15.66
C LEU A 43 23.36 27.53 -15.41
N LYS A 44 24.46 26.79 -15.51
CA LYS A 44 24.39 25.35 -15.27
C LYS A 44 24.05 25.07 -13.80
N THR A 45 24.57 25.89 -12.90
CA THR A 45 24.30 25.73 -11.49
C THR A 45 22.89 26.22 -11.16
N LEU A 46 22.49 27.32 -11.78
CA LEU A 46 21.15 27.86 -11.57
C LEU A 46 20.12 26.79 -11.99
N SER A 47 20.46 26.07 -13.05
CA SER A 47 19.61 25.01 -13.58
C SER A 47 19.43 23.93 -12.51
N ALA A 48 20.54 23.56 -11.86
CA ALA A 48 20.48 22.55 -10.82
C ALA A 48 19.65 23.08 -9.65
N ILE A 49 19.77 24.38 -9.35
CA ILE A 49 19.00 24.98 -8.26
C ILE A 49 17.50 24.78 -8.51
N TYR A 50 17.04 25.17 -9.70
CA TYR A 50 15.64 25.05 -10.06
C TYR A 50 15.18 23.61 -9.98
N SER A 51 15.98 22.72 -10.57
CA SER A 51 15.65 21.30 -10.59
C SER A 51 15.48 20.77 -9.17
N GLN A 52 16.36 21.20 -8.26
CA GLN A 52 16.28 20.74 -6.88
C GLN A 52 15.14 21.40 -6.11
N LEU A 53 14.77 22.61 -6.51
CA LEU A 53 13.66 23.31 -5.87
C LEU A 53 12.39 22.57 -6.29
N GLY A 54 12.32 22.27 -7.59
CA GLY A 54 11.17 21.56 -8.12
C GLY A 54 11.02 20.21 -7.46
N ASN A 55 12.11 19.47 -7.36
CA ASN A 55 12.05 18.16 -6.73
C ASN A 55 11.74 18.23 -5.23
N ALA A 56 12.19 19.29 -4.56
CA ALA A 56 11.93 19.43 -3.13
C ALA A 56 10.46 19.76 -2.88
N TYR A 57 9.93 20.66 -3.68
CA TYR A 57 8.54 21.03 -3.54
C TYR A 57 7.66 19.84 -3.87
N PHE A 58 8.06 19.05 -4.86
CA PHE A 58 7.30 17.87 -5.26
C PHE A 58 7.16 17.00 -4.01
N TYR A 59 8.29 16.79 -3.34
CA TYR A 59 8.34 15.97 -2.12
C TYR A 59 7.45 16.57 -1.04
N LEU A 60 7.39 17.90 -0.97
CA LEU A 60 6.57 18.58 0.01
C LEU A 60 5.09 18.62 -0.40
N HIS A 61 4.81 18.09 -1.59
CA HIS A 61 3.45 18.06 -2.15
C HIS A 61 2.93 19.40 -2.64
N ASP A 62 3.83 20.34 -2.88
CA ASP A 62 3.43 21.64 -3.41
C ASP A 62 3.67 21.52 -4.91
N TYR A 63 2.82 20.74 -5.57
CA TYR A 63 2.96 20.50 -6.99
C TYR A 63 2.90 21.73 -7.88
N ALA A 64 2.15 22.74 -7.46
CA ALA A 64 2.06 23.95 -8.26
C ALA A 64 3.45 24.58 -8.33
N LYS A 65 4.15 24.59 -7.20
CA LYS A 65 5.48 25.16 -7.17
C LYS A 65 6.51 24.23 -7.83
N ALA A 66 6.28 22.93 -7.73
CA ALA A 66 7.19 21.98 -8.36
C ALA A 66 7.07 22.23 -9.88
N LEU A 67 5.86 22.50 -10.34
CA LEU A 67 5.64 22.76 -11.75
C LEU A 67 6.43 23.99 -12.17
N GLU A 68 6.28 25.06 -11.40
CA GLU A 68 6.98 26.31 -11.69
C GLU A 68 8.49 26.11 -11.84
N TYR A 69 9.11 25.50 -10.85
CA TYR A 69 10.54 25.31 -10.92
C TYR A 69 11.01 24.30 -11.96
N HIS A 70 10.25 23.24 -12.22
CA HIS A 70 10.68 22.29 -13.25
C HIS A 70 10.52 22.95 -14.62
N HIS A 71 9.51 23.80 -14.75
CA HIS A 71 9.27 24.53 -15.99
C HIS A 71 10.50 25.42 -16.23
N HIS A 72 10.94 26.11 -15.19
CA HIS A 72 12.11 26.98 -15.28
C HIS A 72 13.35 26.19 -15.67
N ASP A 73 13.54 25.03 -15.06
CA ASP A 73 14.70 24.20 -15.36
C ASP A 73 14.69 23.77 -16.82
N LEU A 74 13.52 23.34 -17.31
CA LEU A 74 13.42 22.89 -18.69
C LEU A 74 13.75 23.99 -19.65
N THR A 75 13.24 25.18 -19.38
CA THR A 75 13.46 26.35 -20.22
C THR A 75 14.92 26.73 -20.29
N LEU A 76 15.57 26.73 -19.12
CA LEU A 76 16.97 27.09 -19.03
C LEU A 76 17.87 26.03 -19.66
N ALA A 77 17.56 24.76 -19.41
CA ALA A 77 18.35 23.69 -19.97
C ALA A 77 18.32 23.84 -21.48
N ARG A 78 17.16 24.21 -22.02
CA ARG A 78 17.04 24.37 -23.45
C ARG A 78 17.79 25.62 -23.91
N THR A 79 17.65 26.72 -23.17
CA THR A 79 18.37 27.95 -23.53
C THR A 79 19.88 27.73 -23.63
N ILE A 80 20.48 27.07 -22.64
CA ILE A 80 21.92 26.84 -22.65
C ILE A 80 22.36 25.60 -23.41
N GLY A 81 21.41 24.91 -24.05
CA GLY A 81 21.75 23.73 -24.82
C GLY A 81 22.25 22.50 -24.09
N ASP A 82 21.84 22.31 -22.83
CA ASP A 82 22.27 21.14 -22.07
C ASP A 82 21.34 19.99 -22.44
N GLN A 83 21.82 19.04 -23.23
CA GLN A 83 20.98 17.93 -23.63
C GLN A 83 20.56 17.02 -22.48
N LEU A 84 21.53 16.53 -21.73
CA LEU A 84 21.20 15.68 -20.59
C LEU A 84 20.36 16.49 -19.62
N GLY A 85 20.64 17.78 -19.54
CA GLY A 85 19.90 18.65 -18.66
C GLY A 85 18.46 18.80 -19.10
N GLU A 86 18.24 18.83 -20.41
CA GLU A 86 16.89 18.98 -20.92
C GLU A 86 16.11 17.69 -20.69
N ALA A 87 16.77 16.56 -20.93
CA ALA A 87 16.15 15.26 -20.75
C ALA A 87 15.66 15.05 -19.32
N LYS A 88 16.52 15.36 -18.34
CA LYS A 88 16.16 15.23 -16.93
C LYS A 88 15.01 16.12 -16.54
N ALA A 89 15.06 17.37 -16.99
CA ALA A 89 14.01 18.34 -16.67
C ALA A 89 12.68 17.93 -17.30
N SER A 90 12.74 17.41 -18.53
CA SER A 90 11.53 16.97 -19.23
C SER A 90 10.87 15.86 -18.42
N GLY A 91 11.69 14.95 -17.90
CA GLY A 91 11.17 13.86 -17.10
C GLY A 91 10.56 14.40 -15.81
N ASN A 92 11.26 15.30 -15.12
CA ASN A 92 10.73 15.85 -13.88
C ASN A 92 9.45 16.66 -14.13
N LEU A 93 9.45 17.48 -15.17
CA LEU A 93 8.28 18.29 -15.48
C LEU A 93 7.10 17.37 -15.83
N GLY A 94 7.41 16.24 -16.46
CA GLY A 94 6.38 15.29 -16.84
C GLY A 94 5.72 14.59 -15.66
N ASN A 95 6.52 14.22 -14.67
CA ASN A 95 5.96 13.56 -13.48
C ASN A 95 5.09 14.53 -12.72
N THR A 96 5.44 15.80 -12.74
CA THR A 96 4.68 16.84 -12.04
C THR A 96 3.35 17.06 -12.75
N LEU A 97 3.41 17.23 -14.06
CA LEU A 97 2.21 17.45 -14.85
C LEU A 97 1.27 16.24 -14.71
N LYS A 98 1.86 15.06 -14.56
CA LYS A 98 1.07 13.85 -14.41
C LYS A 98 0.24 13.99 -13.13
N VAL A 99 0.91 14.27 -12.01
CA VAL A 99 0.22 14.42 -10.74
C VAL A 99 -0.89 15.46 -10.84
N LEU A 100 -0.61 16.54 -11.57
CA LEU A 100 -1.59 17.61 -11.72
C LEU A 100 -2.71 17.29 -12.71
N GLY A 101 -2.70 16.08 -13.26
CA GLY A 101 -3.75 15.71 -14.19
C GLY A 101 -3.60 16.19 -15.62
N ASN A 102 -2.47 16.80 -15.95
CA ASN A 102 -2.28 17.27 -17.33
C ASN A 102 -1.52 16.19 -18.09
N PHE A 103 -2.22 15.10 -18.42
CA PHE A 103 -1.60 13.96 -19.09
C PHE A 103 -1.07 14.18 -20.50
N ASP A 104 -1.70 15.05 -21.28
CA ASP A 104 -1.24 15.30 -22.64
C ASP A 104 0.16 15.90 -22.64
N GLU A 105 0.37 16.88 -21.77
CA GLU A 105 1.65 17.55 -21.69
C GLU A 105 2.69 16.68 -20.99
N ALA A 106 2.23 15.84 -20.06
CA ALA A 106 3.16 14.96 -19.36
C ALA A 106 3.76 13.98 -20.37
N ILE A 107 2.90 13.43 -21.22
CA ILE A 107 3.33 12.51 -22.24
C ILE A 107 4.36 13.16 -23.16
N VAL A 108 4.10 14.41 -23.55
CA VAL A 108 5.01 15.17 -24.42
C VAL A 108 6.37 15.35 -23.76
N CYS A 109 6.35 15.68 -22.46
CA CYS A 109 7.58 15.88 -21.71
C CYS A 109 8.37 14.59 -21.57
N CYS A 110 7.66 13.51 -21.27
CA CYS A 110 8.31 12.22 -21.10
C CYS A 110 8.78 11.64 -22.44
N GLN A 111 8.07 11.96 -23.51
CA GLN A 111 8.47 11.47 -24.83
C GLN A 111 9.73 12.24 -25.20
N ARG A 112 9.80 13.50 -24.79
CA ARG A 112 10.97 14.34 -25.07
C ARG A 112 12.20 13.73 -24.39
N HIS A 113 12.02 13.31 -23.15
CA HIS A 113 13.08 12.69 -22.37
C HIS A 113 13.56 11.41 -23.08
N LEU A 114 12.61 10.63 -23.60
CA LEU A 114 12.94 9.41 -24.32
C LEU A 114 13.78 9.74 -25.54
N ASP A 115 13.30 10.67 -26.36
CA ASP A 115 14.03 11.03 -27.58
C ASP A 115 15.45 11.49 -27.29
N ILE A 116 15.63 12.45 -26.40
CA ILE A 116 16.97 12.92 -26.11
C ILE A 116 17.86 11.79 -25.59
N SER A 117 17.33 10.90 -24.78
CA SER A 117 18.13 9.79 -24.27
C SER A 117 18.65 8.90 -25.40
N ARG A 118 17.77 8.55 -26.32
CA ARG A 118 18.19 7.72 -27.45
C ARG A 118 19.22 8.44 -28.30
N GLU A 119 19.10 9.76 -28.43
CA GLU A 119 20.06 10.50 -29.22
C GLU A 119 21.44 10.52 -28.54
N LEU A 120 21.45 10.67 -27.22
CA LEU A 120 22.69 10.71 -26.47
C LEU A 120 23.23 9.31 -26.24
N ASN A 121 22.45 8.32 -26.63
CA ASN A 121 22.81 6.93 -26.44
C ASN A 121 22.91 6.61 -24.94
N ASP A 122 22.04 7.26 -24.17
CA ASP A 122 21.97 7.11 -22.73
C ASP A 122 20.96 6.00 -22.41
N LYS A 123 21.46 4.75 -22.36
CA LYS A 123 20.63 3.59 -22.09
C LYS A 123 19.84 3.63 -20.79
N VAL A 124 20.46 4.05 -19.69
CA VAL A 124 19.74 4.10 -18.41
C VAL A 124 18.70 5.20 -18.44
N GLY A 125 19.03 6.28 -19.16
CA GLY A 125 18.12 7.40 -19.29
C GLY A 125 16.94 6.96 -20.14
N GLU A 126 17.23 6.11 -21.13
CA GLU A 126 16.17 5.61 -21.99
C GLU A 126 15.21 4.79 -21.14
N ALA A 127 15.78 3.95 -20.27
CA ALA A 127 14.99 3.10 -19.39
C ALA A 127 14.11 3.95 -18.47
N ARG A 128 14.69 4.99 -17.89
CA ARG A 128 13.96 5.87 -17.00
C ARG A 128 12.78 6.54 -17.72
N ALA A 129 12.99 6.96 -18.96
CA ALA A 129 11.93 7.59 -19.71
C ALA A 129 10.78 6.61 -20.00
N LEU A 130 11.12 5.40 -20.46
CA LEU A 130 10.08 4.41 -20.76
C LEU A 130 9.22 4.13 -19.53
N TYR A 131 9.87 4.04 -18.37
CA TYR A 131 9.17 3.79 -17.11
C TYR A 131 8.30 4.98 -16.75
N ASN A 132 8.77 6.20 -17.04
CA ASN A 132 7.98 7.39 -16.74
C ASN A 132 6.73 7.40 -17.63
N LEU A 133 6.91 7.11 -18.91
CA LEU A 133 5.79 7.08 -19.84
C LEU A 133 4.78 6.03 -19.38
N GLY A 134 5.30 4.90 -18.90
CA GLY A 134 4.43 3.85 -18.40
C GLY A 134 3.63 4.37 -17.23
N ASN A 135 4.30 5.04 -16.29
CA ASN A 135 3.61 5.60 -15.13
C ASN A 135 2.56 6.64 -15.53
N VAL A 136 2.89 7.48 -16.50
CA VAL A 136 1.94 8.50 -16.91
C VAL A 136 0.65 7.89 -17.48
N TYR A 137 0.79 6.93 -18.40
CA TYR A 137 -0.39 6.30 -18.97
C TYR A 137 -1.19 5.56 -17.93
N HIS A 138 -0.50 4.99 -16.95
CA HIS A 138 -1.18 4.28 -15.86
C HIS A 138 -2.07 5.27 -15.10
N ALA A 139 -1.52 6.44 -14.81
CA ALA A 139 -2.28 7.47 -14.11
C ALA A 139 -3.43 7.95 -14.99
N LYS A 140 -3.15 8.18 -16.27
CA LYS A 140 -4.17 8.62 -17.20
C LYS A 140 -5.34 7.63 -17.16
N GLY A 141 -5.00 6.34 -17.25
CA GLY A 141 -6.02 5.31 -17.21
C GLY A 141 -6.92 5.39 -16.00
N LYS A 142 -6.35 5.74 -14.85
CA LYS A 142 -7.13 5.84 -13.63
C LYS A 142 -7.81 7.18 -13.40
N SER A 143 -7.63 8.13 -14.32
CA SER A 143 -8.23 9.45 -14.13
C SER A 143 -9.61 9.61 -14.77
N PHE A 144 -10.27 8.50 -15.13
CA PHE A 144 -11.59 8.60 -15.76
C PHE A 144 -12.75 8.21 -14.83
N GLY A 145 -13.96 8.62 -15.21
CA GLY A 145 -15.15 8.31 -14.44
C GLY A 145 -15.15 8.92 -13.05
N GLY A 153 -22.55 -0.62 -17.06
CA GLY A 153 -21.29 -1.14 -16.54
C GLY A 153 -20.22 -1.32 -17.60
N GLU A 154 -20.15 -0.38 -18.53
CA GLU A 154 -19.17 -0.42 -19.61
C GLU A 154 -17.77 0.07 -19.22
N PHE A 155 -16.76 -0.70 -19.58
CA PHE A 155 -15.35 -0.37 -19.32
C PHE A 155 -14.95 0.63 -20.41
N PRO A 156 -14.80 1.90 -20.07
CA PRO A 156 -14.43 2.94 -21.04
C PRO A 156 -13.23 2.60 -21.91
N GLU A 157 -13.39 2.73 -23.23
CA GLU A 157 -12.30 2.43 -24.13
C GLU A 157 -11.10 3.35 -23.89
N GLU A 158 -11.37 4.56 -23.42
CA GLU A 158 -10.26 5.47 -23.16
C GLU A 158 -9.43 4.94 -21.98
N VAL A 159 -10.07 4.29 -21.00
CA VAL A 159 -9.35 3.72 -19.87
C VAL A 159 -8.50 2.54 -20.39
N ARG A 160 -9.10 1.73 -21.25
CA ARG A 160 -8.41 0.58 -21.79
C ARG A 160 -7.21 0.96 -22.66
N ASP A 161 -7.37 1.94 -23.54
CA ASP A 161 -6.24 2.32 -24.40
C ASP A 161 -5.08 2.83 -23.59
N ALA A 162 -5.39 3.64 -22.58
CA ALA A 162 -4.36 4.22 -21.71
C ALA A 162 -3.61 3.13 -20.95
N LEU A 163 -4.37 2.21 -20.35
CA LEU A 163 -3.75 1.12 -19.60
C LEU A 163 -2.91 0.21 -20.53
N GLN A 164 -3.39 -0.04 -21.75
CA GLN A 164 -2.62 -0.88 -22.67
C GLN A 164 -1.34 -0.14 -23.05
N ALA A 165 -1.44 1.18 -23.15
CA ALA A 165 -0.26 1.97 -23.48
C ALA A 165 0.77 1.81 -22.35
N ALA A 166 0.28 1.75 -21.11
CA ALA A 166 1.17 1.59 -19.95
C ALA A 166 1.88 0.23 -20.03
N VAL A 167 1.12 -0.83 -20.28
CA VAL A 167 1.69 -2.16 -20.41
C VAL A 167 2.82 -2.12 -21.43
N ASP A 168 2.56 -1.49 -22.57
CA ASP A 168 3.58 -1.42 -23.60
C ASP A 168 4.87 -0.77 -23.12
N PHE A 169 4.76 0.42 -22.53
CA PHE A 169 5.96 1.09 -22.04
C PHE A 169 6.64 0.30 -20.93
N TYR A 170 5.84 -0.29 -20.02
CA TYR A 170 6.44 -1.09 -18.94
C TYR A 170 7.20 -2.27 -19.53
N GLU A 171 6.65 -2.92 -20.54
CA GLU A 171 7.33 -4.05 -21.14
C GLU A 171 8.63 -3.58 -21.80
N GLU A 172 8.59 -2.44 -22.48
CA GLU A 172 9.80 -1.92 -23.12
C GLU A 172 10.84 -1.61 -22.05
N ASN A 173 10.39 -0.96 -20.97
CA ASN A 173 11.31 -0.62 -19.90
C ASN A 173 11.89 -1.91 -19.33
N LEU A 174 11.02 -2.88 -19.08
CA LEU A 174 11.45 -4.17 -18.54
C LEU A 174 12.50 -4.81 -19.43
N SER A 175 12.25 -4.84 -20.72
CA SER A 175 13.20 -5.43 -21.66
C SER A 175 14.59 -4.79 -21.55
N LEU A 176 14.63 -3.46 -21.64
CA LEU A 176 15.90 -2.75 -21.57
C LEU A 176 16.58 -2.91 -20.22
N VAL A 177 15.79 -2.77 -19.16
CA VAL A 177 16.29 -2.88 -17.81
C VAL A 177 16.87 -4.27 -17.48
N THR A 178 16.36 -5.33 -18.11
CA THR A 178 16.93 -6.64 -17.83
C THR A 178 18.22 -6.76 -18.65
N ALA A 179 18.24 -6.10 -19.81
CA ALA A 179 19.42 -6.12 -20.66
C ALA A 179 20.57 -5.35 -20.00
N LEU A 180 20.23 -4.34 -19.20
CA LEU A 180 21.24 -3.55 -18.49
C LEU A 180 21.61 -4.26 -17.19
N GLY A 181 20.90 -5.31 -16.86
CA GLY A 181 21.18 -6.04 -15.63
C GLY A 181 20.75 -5.35 -14.34
N ASP A 182 19.88 -4.34 -14.43
CA ASP A 182 19.41 -3.64 -13.23
C ASP A 182 18.26 -4.41 -12.60
N ARG A 183 18.60 -5.28 -11.66
CA ARG A 183 17.64 -6.13 -10.99
C ARG A 183 16.54 -5.38 -10.25
N ALA A 184 16.90 -4.32 -9.52
CA ALA A 184 15.90 -3.55 -8.78
C ALA A 184 14.89 -2.85 -9.69
N ALA A 185 15.36 -2.34 -10.81
CA ALA A 185 14.49 -1.67 -11.77
C ALA A 185 13.57 -2.70 -12.41
N GLN A 186 14.05 -3.93 -12.56
CA GLN A 186 13.22 -4.98 -13.15
C GLN A 186 12.05 -5.25 -12.20
N GLY A 187 12.34 -5.16 -10.90
CA GLY A 187 11.33 -5.41 -9.90
C GLY A 187 10.23 -4.38 -9.95
N ARG A 188 10.60 -3.12 -10.06
CA ARG A 188 9.59 -2.07 -10.13
C ARG A 188 8.76 -2.23 -11.40
N ALA A 189 9.42 -2.58 -12.50
CA ALA A 189 8.74 -2.77 -13.78
C ALA A 189 7.71 -3.88 -13.67
N PHE A 190 8.11 -5.00 -13.10
CA PHE A 190 7.20 -6.14 -12.92
C PHE A 190 5.99 -5.79 -12.07
N GLY A 191 6.22 -5.09 -10.97
CA GLY A 191 5.11 -4.71 -10.09
C GLY A 191 4.09 -3.81 -10.76
N ASN A 192 4.56 -2.80 -11.48
CA ASN A 192 3.63 -1.89 -12.14
C ASN A 192 2.96 -2.55 -13.33
N LEU A 193 3.69 -3.44 -14.00
CA LEU A 193 3.14 -4.18 -15.12
C LEU A 193 2.00 -5.05 -14.57
N GLY A 194 2.25 -5.67 -13.42
CA GLY A 194 1.24 -6.51 -12.80
C GLY A 194 0.02 -5.74 -12.36
N ASN A 195 0.21 -4.56 -11.79
CA ASN A 195 -0.94 -3.76 -11.34
C ASN A 195 -1.76 -3.24 -12.52
N THR A 196 -1.08 -2.90 -13.62
CA THR A 196 -1.77 -2.40 -14.79
C THR A 196 -2.63 -3.52 -15.35
N HIS A 197 -2.08 -4.73 -15.47
CA HIS A 197 -2.86 -5.86 -15.98
C HIS A 197 -4.06 -6.13 -15.09
N TYR A 198 -3.87 -5.93 -13.79
CA TYR A 198 -4.92 -6.16 -12.82
C TYR A 198 -6.12 -5.23 -13.08
N LEU A 199 -5.82 -3.96 -13.34
CA LEU A 199 -6.86 -2.98 -13.60
C LEU A 199 -7.51 -3.22 -14.97
N LEU A 200 -6.75 -3.78 -15.90
CA LEU A 200 -7.25 -4.07 -17.24
C LEU A 200 -8.16 -5.28 -17.22
N GLY A 201 -7.79 -6.27 -16.39
CA GLY A 201 -8.57 -7.49 -16.32
C GLY A 201 -7.78 -8.67 -16.88
N ASN A 202 -6.46 -8.49 -17.03
CA ASN A 202 -5.58 -9.55 -17.52
C ASN A 202 -4.99 -10.20 -16.26
N PHE A 203 -5.85 -10.84 -15.49
CA PHE A 203 -5.44 -11.47 -14.23
C PHE A 203 -4.27 -12.44 -14.26
N ARG A 204 -4.24 -13.34 -15.23
CA ARG A 204 -3.15 -14.31 -15.28
C ARG A 204 -1.81 -13.61 -15.50
N ASP A 205 -1.74 -12.67 -16.44
CA ASP A 205 -0.51 -11.94 -16.69
C ASP A 205 -0.14 -11.08 -15.49
N ALA A 206 -1.14 -10.67 -14.72
CA ALA A 206 -0.88 -9.88 -13.51
C ALA A 206 -0.13 -10.81 -12.58
N VAL A 207 -0.71 -11.99 -12.39
CA VAL A 207 -0.14 -13.01 -11.51
C VAL A 207 1.30 -13.30 -11.91
N ILE A 208 1.52 -13.52 -13.20
CA ILE A 208 2.86 -13.84 -13.71
C ILE A 208 3.85 -12.73 -13.44
N ALA A 209 3.44 -11.48 -13.63
CA ALA A 209 4.33 -10.35 -13.38
C ALA A 209 4.60 -10.22 -11.89
N HIS A 210 3.56 -10.38 -11.08
CA HIS A 210 3.75 -10.26 -9.63
C HIS A 210 4.64 -11.37 -9.07
N GLU A 211 4.61 -12.56 -9.66
CA GLU A 211 5.47 -13.63 -9.18
C GLU A 211 6.92 -13.18 -9.32
N GLN A 212 7.22 -12.49 -10.42
CA GLN A 212 8.58 -12.01 -10.65
C GLN A 212 8.93 -10.89 -9.69
N ARG A 213 7.95 -10.08 -9.34
CA ARG A 213 8.18 -8.99 -8.42
C ARG A 213 8.54 -9.60 -7.06
N LEU A 214 7.81 -10.65 -6.70
CA LEU A 214 8.01 -11.39 -5.46
C LEU A 214 9.42 -11.99 -5.44
N LEU A 215 9.74 -12.68 -6.52
CA LEU A 215 11.02 -13.32 -6.70
C LEU A 215 12.14 -12.32 -6.45
N ILE A 216 12.09 -11.20 -7.16
CA ILE A 216 13.12 -10.16 -7.03
C ILE A 216 13.16 -9.49 -5.66
N ALA A 217 12.01 -9.30 -5.03
CA ALA A 217 11.96 -8.68 -3.71
C ALA A 217 12.74 -9.54 -2.70
N LYS A 218 12.60 -10.86 -2.82
CA LYS A 218 13.27 -11.81 -1.95
C LYS A 218 14.79 -11.71 -2.12
N GLU A 219 15.23 -11.60 -3.36
CA GLU A 219 16.65 -11.47 -3.65
C GLU A 219 17.27 -10.29 -2.90
N PHE A 220 16.52 -9.19 -2.78
CA PHE A 220 17.01 -7.99 -2.10
C PHE A 220 16.63 -8.00 -0.61
N GLY A 221 15.87 -9.00 -0.19
CA GLY A 221 15.45 -9.05 1.19
C GLY A 221 14.53 -7.88 1.47
N ASP A 222 13.87 -7.40 0.42
CA ASP A 222 12.95 -6.27 0.51
C ASP A 222 11.57 -6.73 0.96
N LYS A 223 11.37 -6.76 2.27
CA LYS A 223 10.14 -7.21 2.89
C LYS A 223 8.89 -6.46 2.48
N ALA A 224 9.00 -5.15 2.33
CA ALA A 224 7.84 -4.36 1.94
C ALA A 224 7.40 -4.77 0.54
N ALA A 225 8.36 -4.83 -0.38
CA ALA A 225 8.08 -5.20 -1.75
C ALA A 225 7.45 -6.59 -1.79
N GLU A 226 7.99 -7.48 -0.96
CA GLU A 226 7.49 -8.85 -0.88
C GLU A 226 6.04 -8.86 -0.41
N ARG A 227 5.72 -8.02 0.57
CA ARG A 227 4.36 -7.95 1.08
C ARG A 227 3.41 -7.43 -0.01
N ARG A 228 3.87 -6.43 -0.75
CA ARG A 228 3.06 -5.87 -1.82
C ARG A 228 2.71 -6.96 -2.84
N ALA A 229 3.72 -7.74 -3.21
CA ALA A 229 3.54 -8.80 -4.18
C ALA A 229 2.52 -9.84 -3.71
N TYR A 230 2.58 -10.22 -2.43
CA TYR A 230 1.63 -11.20 -1.93
C TYR A 230 0.21 -10.67 -2.00
N SER A 231 0.01 -9.40 -1.64
CA SER A 231 -1.31 -8.79 -1.68
C SER A 231 -1.85 -8.73 -3.11
N ASN A 232 -1.02 -8.28 -4.05
CA ASN A 232 -1.44 -8.20 -5.43
C ASN A 232 -1.79 -9.59 -5.97
N LEU A 233 -0.99 -10.59 -5.61
CA LEU A 233 -1.25 -11.96 -6.07
C LEU A 233 -2.61 -12.43 -5.55
N GLY A 234 -2.82 -12.28 -4.23
CA GLY A 234 -4.08 -12.68 -3.65
C GLY A 234 -5.26 -12.06 -4.37
N ASN A 235 -5.22 -10.73 -4.54
CA ASN A 235 -6.30 -10.00 -5.21
C ASN A 235 -6.56 -10.53 -6.64
N ALA A 236 -5.49 -10.79 -7.38
CA ALA A 236 -5.67 -11.28 -8.73
C ALA A 236 -6.32 -12.66 -8.72
N TYR A 237 -5.91 -13.51 -7.79
CA TYR A 237 -6.51 -14.84 -7.75
C TYR A 237 -7.99 -14.78 -7.39
N ILE A 238 -8.37 -13.83 -6.54
CA ILE A 238 -9.77 -13.68 -6.17
C ILE A 238 -10.60 -13.51 -7.45
N PHE A 239 -10.17 -12.63 -8.33
CA PHE A 239 -10.90 -12.39 -9.57
C PHE A 239 -10.73 -13.47 -10.64
N LEU A 240 -9.87 -14.45 -10.38
CA LEU A 240 -9.71 -15.56 -11.32
C LEU A 240 -10.62 -16.68 -10.81
N GLY A 241 -11.28 -16.43 -9.68
CA GLY A 241 -12.18 -17.41 -9.10
C GLY A 241 -11.44 -18.50 -8.33
N GLU A 242 -10.14 -18.35 -8.21
CA GLU A 242 -9.30 -19.32 -7.53
C GLU A 242 -9.04 -18.90 -6.08
N PHE A 243 -10.09 -19.03 -5.27
CA PHE A 243 -10.08 -18.64 -3.86
C PHE A 243 -9.07 -19.34 -2.95
N GLU A 244 -8.94 -20.66 -3.09
CA GLU A 244 -8.02 -21.40 -2.26
C GLU A 244 -6.61 -20.85 -2.49
N THR A 245 -6.26 -20.61 -3.75
CA THR A 245 -4.94 -20.09 -4.06
C THR A 245 -4.78 -18.67 -3.48
N ALA A 246 -5.87 -17.91 -3.51
CA ALA A 246 -5.85 -16.55 -2.99
C ALA A 246 -5.55 -16.58 -1.50
N SER A 247 -6.21 -17.48 -0.78
CA SER A 247 -6.03 -17.58 0.66
C SER A 247 -4.58 -17.85 1.02
N GLU A 248 -3.91 -18.69 0.24
CA GLU A 248 -2.51 -18.99 0.50
C GLU A 248 -1.68 -17.71 0.51
N TYR A 249 -1.94 -16.83 -0.45
CA TYR A 249 -1.21 -15.57 -0.54
C TYR A 249 -1.59 -14.55 0.52
N TYR A 250 -2.86 -14.52 0.91
CA TYR A 250 -3.27 -13.58 1.95
C TYR A 250 -2.64 -13.98 3.28
N LYS A 251 -2.44 -15.27 3.48
CA LYS A 251 -1.81 -15.73 4.72
C LYS A 251 -0.37 -15.24 4.76
N LYS A 252 0.29 -15.28 3.61
CA LYS A 252 1.67 -14.84 3.52
C LYS A 252 1.79 -13.34 3.73
N THR A 253 0.80 -12.57 3.29
CA THR A 253 0.86 -11.12 3.51
C THR A 253 0.63 -10.91 5.01
N LEU A 254 -0.25 -11.71 5.60
CA LEU A 254 -0.52 -11.60 7.03
C LEU A 254 0.77 -11.79 7.82
N LEU A 255 1.50 -12.86 7.53
CA LEU A 255 2.76 -13.12 8.23
C LEU A 255 3.74 -11.97 8.03
N LEU A 256 3.91 -11.54 6.78
CA LEU A 256 4.83 -10.43 6.51
C LEU A 256 4.40 -9.20 7.27
N ALA A 257 3.11 -8.87 7.20
CA ALA A 257 2.57 -7.70 7.88
C ALA A 257 2.80 -7.82 9.38
N ARG A 258 2.49 -8.99 9.91
CA ARG A 258 2.66 -9.27 11.33
C ARG A 258 4.15 -9.08 11.66
N GLN A 259 5.01 -9.50 10.73
CA GLN A 259 6.46 -9.40 10.90
C GLN A 259 7.03 -7.99 10.80
N LEU A 260 6.43 -7.16 9.97
CA LEU A 260 6.90 -5.78 9.81
C LEU A 260 6.16 -4.89 10.80
N LYS A 261 5.46 -5.52 11.74
CA LYS A 261 4.72 -4.78 12.74
C LYS A 261 3.86 -3.69 12.11
N ASP A 262 3.01 -4.09 11.17
CA ASP A 262 2.09 -3.17 10.51
C ASP A 262 0.72 -3.67 10.93
N ARG A 263 0.08 -2.94 11.85
CA ARG A 263 -1.23 -3.33 12.36
C ARG A 263 -2.32 -3.12 11.34
N ALA A 264 -2.30 -1.96 10.69
CA ALA A 264 -3.29 -1.65 9.68
C ALA A 264 -3.31 -2.75 8.60
N VAL A 265 -2.19 -2.94 7.93
CA VAL A 265 -2.08 -3.96 6.88
C VAL A 265 -2.41 -5.36 7.40
N GLU A 266 -2.06 -5.63 8.65
CA GLU A 266 -2.34 -6.94 9.21
C GLU A 266 -3.85 -7.11 9.31
N ALA A 267 -4.54 -6.02 9.63
CA ALA A 267 -5.99 -6.05 9.76
C ALA A 267 -6.63 -6.22 8.39
N GLN A 268 -6.14 -5.47 7.40
CA GLN A 268 -6.66 -5.58 6.04
C GLN A 268 -6.48 -7.03 5.55
N SER A 269 -5.38 -7.67 5.94
CA SER A 269 -5.12 -9.04 5.54
C SER A 269 -6.12 -10.01 6.16
N CYS A 270 -6.39 -9.81 7.43
CA CYS A 270 -7.35 -10.67 8.12
C CYS A 270 -8.74 -10.49 7.52
N TYR A 271 -9.06 -9.26 7.13
CA TYR A 271 -10.35 -8.98 6.55
C TYR A 271 -10.47 -9.66 5.19
N SER A 272 -9.40 -9.63 4.40
CA SER A 272 -9.43 -10.27 3.09
C SER A 272 -9.55 -11.78 3.28
N LEU A 273 -8.89 -12.30 4.30
CA LEU A 273 -8.95 -13.73 4.57
C LEU A 273 -10.37 -14.11 5.01
N GLY A 274 -11.00 -13.25 5.80
CA GLY A 274 -12.36 -13.53 6.23
C GLY A 274 -13.27 -13.67 5.02
N ASN A 275 -13.16 -12.74 4.09
CA ASN A 275 -13.97 -12.75 2.89
C ASN A 275 -13.67 -13.95 1.99
N THR A 276 -12.39 -14.26 1.82
CA THR A 276 -11.96 -15.37 0.99
C THR A 276 -12.52 -16.67 1.53
N TYR A 277 -12.44 -16.86 2.84
CA TYR A 277 -12.95 -18.09 3.43
C TYR A 277 -14.47 -18.13 3.38
N THR A 278 -15.10 -16.95 3.30
CA THR A 278 -16.54 -16.93 3.19
C THR A 278 -16.86 -17.43 1.78
N LEU A 279 -16.03 -17.06 0.82
CA LEU A 279 -16.25 -17.50 -0.55
C LEU A 279 -16.03 -19.00 -0.66
N LEU A 280 -15.13 -19.53 0.16
CA LEU A 280 -14.83 -20.96 0.17
C LEU A 280 -15.86 -21.69 1.02
N GLN A 281 -16.75 -20.90 1.63
CA GLN A 281 -17.82 -21.42 2.47
C GLN A 281 -17.34 -22.12 3.73
N ASP A 282 -16.26 -21.60 4.30
CA ASP A 282 -15.71 -22.12 5.53
C ASP A 282 -15.93 -20.98 6.52
N TYR A 283 -17.18 -20.83 6.93
CA TYR A 283 -17.59 -19.76 7.84
C TYR A 283 -16.87 -19.72 9.16
N GLU A 284 -16.41 -20.87 9.65
CA GLU A 284 -15.70 -20.91 10.91
C GLU A 284 -14.41 -20.12 10.78
N LYS A 285 -13.65 -20.38 9.72
CA LYS A 285 -12.40 -19.65 9.52
C LYS A 285 -12.70 -18.17 9.27
N ALA A 286 -13.77 -17.91 8.53
CA ALA A 286 -14.15 -16.52 8.24
C ALA A 286 -14.32 -15.76 9.55
N ILE A 287 -15.03 -16.39 10.48
CA ILE A 287 -15.29 -15.82 11.80
C ILE A 287 -13.95 -15.47 12.46
N ASP A 288 -13.06 -16.47 12.51
CA ASP A 288 -11.75 -16.29 13.12
C ASP A 288 -11.04 -15.06 12.60
N TYR A 289 -10.85 -15.01 11.28
CA TYR A 289 -10.16 -13.88 10.68
C TYR A 289 -10.89 -12.57 10.82
N HIS A 290 -12.22 -12.60 10.75
CA HIS A 290 -12.98 -11.37 10.89
C HIS A 290 -12.86 -10.85 12.32
N LEU A 291 -12.73 -11.78 13.27
CA LEU A 291 -12.57 -11.40 14.68
C LEU A 291 -11.20 -10.75 14.87
N LYS A 292 -10.15 -11.37 14.31
CA LYS A 292 -8.82 -10.79 14.43
C LYS A 292 -8.84 -9.38 13.86
N HIS A 293 -9.58 -9.19 12.76
CA HIS A 293 -9.68 -7.88 12.15
C HIS A 293 -10.46 -6.93 13.05
N LEU A 294 -11.54 -7.44 13.65
CA LEU A 294 -12.35 -6.63 14.55
C LEU A 294 -11.47 -6.03 15.65
N ALA A 295 -10.72 -6.89 16.33
CA ALA A 295 -9.82 -6.46 17.41
C ALA A 295 -8.91 -5.31 16.98
N ILE A 296 -8.06 -5.58 15.98
CA ILE A 296 -7.13 -4.56 15.51
C ILE A 296 -7.86 -3.28 15.14
N ALA A 297 -9.06 -3.41 14.58
CA ALA A 297 -9.82 -2.23 14.21
C ALA A 297 -10.15 -1.42 15.46
N GLN A 298 -10.65 -2.09 16.49
CA GLN A 298 -10.99 -1.44 17.74
C GLN A 298 -9.73 -0.79 18.30
N GLU A 299 -8.63 -1.54 18.30
CA GLU A 299 -7.35 -1.05 18.78
C GLU A 299 -6.97 0.28 18.12
N LEU A 300 -6.97 0.32 16.79
CA LEU A 300 -6.62 1.53 16.07
C LEU A 300 -7.80 2.50 16.06
N ASN A 301 -8.80 2.17 16.87
CA ASN A 301 -10.02 2.96 16.96
C ASN A 301 -10.56 3.33 15.58
N ASP A 302 -10.74 2.32 14.72
CA ASP A 302 -11.27 2.54 13.38
C ASP A 302 -12.74 2.11 13.37
N ARG A 303 -13.63 3.06 13.63
CA ARG A 303 -15.06 2.76 13.67
C ARG A 303 -15.64 2.25 12.35
N ILE A 304 -15.30 2.92 11.25
CA ILE A 304 -15.79 2.53 9.94
C ILE A 304 -15.49 1.04 9.68
N GLY A 305 -14.24 0.66 9.90
CA GLY A 305 -13.83 -0.72 9.70
C GLY A 305 -14.41 -1.67 10.72
N GLU A 306 -14.79 -1.12 11.86
CA GLU A 306 -15.36 -1.93 12.93
C GLU A 306 -16.79 -2.25 12.51
N GLY A 307 -17.38 -1.32 11.76
CA GLY A 307 -18.73 -1.51 11.26
C GLY A 307 -18.67 -2.59 10.21
N ARG A 308 -17.68 -2.49 9.32
CA ARG A 308 -17.51 -3.47 8.27
C ARG A 308 -17.35 -4.84 8.92
N ALA A 309 -16.64 -4.86 10.04
CA ALA A 309 -16.40 -6.10 10.78
C ALA A 309 -17.68 -6.70 11.36
N CYS A 310 -18.49 -5.86 12.00
CA CYS A 310 -19.72 -6.34 12.60
C CYS A 310 -20.68 -6.82 11.53
N TRP A 311 -20.70 -6.12 10.40
CA TRP A 311 -21.53 -6.47 9.28
C TRP A 311 -21.13 -7.88 8.81
N SER A 312 -19.83 -8.07 8.56
CA SER A 312 -19.30 -9.37 8.11
C SER A 312 -19.54 -10.48 9.12
N LEU A 313 -19.27 -10.21 10.39
CA LEU A 313 -19.46 -11.21 11.43
C LEU A 313 -20.91 -11.64 11.49
N GLY A 314 -21.81 -10.65 11.45
CA GLY A 314 -23.23 -10.96 11.47
C GLY A 314 -23.60 -11.92 10.36
N ASN A 315 -23.11 -11.65 9.15
CA ASN A 315 -23.38 -12.51 7.99
C ASN A 315 -22.78 -13.90 8.17
N ALA A 316 -21.53 -13.96 8.61
CA ALA A 316 -20.87 -15.25 8.81
C ALA A 316 -21.61 -16.09 9.85
N TYR A 317 -21.95 -15.49 10.98
CA TYR A 317 -22.66 -16.23 12.03
C TYR A 317 -24.04 -16.68 11.54
N THR A 318 -24.67 -15.84 10.73
CA THR A 318 -25.98 -16.16 10.18
C THR A 318 -25.84 -17.37 9.24
N ALA A 319 -24.77 -17.39 8.47
CA ALA A 319 -24.52 -18.49 7.54
C ALA A 319 -24.23 -19.79 8.27
N LEU A 320 -23.78 -19.68 9.53
CA LEU A 320 -23.48 -20.86 10.33
C LEU A 320 -24.69 -21.34 11.12
N GLY A 321 -25.75 -20.55 11.14
CA GLY A 321 -26.93 -20.93 11.87
C GLY A 321 -26.92 -20.42 13.30
N ASN A 322 -25.83 -19.75 13.68
CA ASN A 322 -25.70 -19.20 15.02
C ASN A 322 -26.53 -17.93 15.12
N HIS A 323 -27.85 -18.09 15.27
CA HIS A 323 -28.78 -16.97 15.38
C HIS A 323 -28.40 -15.94 16.45
N ASP A 324 -28.21 -16.42 17.67
CA ASP A 324 -27.87 -15.55 18.79
C ASP A 324 -26.69 -14.61 18.50
N GLN A 325 -25.60 -15.17 17.97
CA GLN A 325 -24.43 -14.36 17.70
C GLN A 325 -24.69 -13.36 16.57
N ALA A 326 -25.54 -13.75 15.62
CA ALA A 326 -25.89 -12.86 14.50
C ALA A 326 -26.56 -11.60 15.05
N MET A 327 -27.53 -11.79 15.96
CA MET A 327 -28.25 -10.67 16.59
C MET A 327 -27.26 -9.63 17.14
N HIS A 328 -26.34 -10.12 17.97
CA HIS A 328 -25.35 -9.28 18.60
C HIS A 328 -24.62 -8.36 17.63
N PHE A 329 -24.02 -8.93 16.60
CA PHE A 329 -23.27 -8.12 15.65
C PHE A 329 -24.11 -7.21 14.77
N ALA A 330 -25.35 -7.59 14.50
CA ALA A 330 -26.23 -6.75 13.70
C ALA A 330 -26.51 -5.50 14.53
N GLU A 331 -26.64 -5.71 15.83
CA GLU A 331 -26.88 -4.60 16.75
C GLU A 331 -25.66 -3.69 16.72
N LYS A 332 -24.49 -4.29 16.87
CA LYS A 332 -23.26 -3.52 16.86
C LYS A 332 -23.13 -2.77 15.54
N HIS A 333 -23.52 -3.44 14.45
CA HIS A 333 -23.45 -2.83 13.12
C HIS A 333 -24.37 -1.61 13.04
N LEU A 334 -25.62 -1.79 13.47
CA LEU A 334 -26.60 -0.71 13.46
C LEU A 334 -26.05 0.47 14.25
N GLU A 335 -25.53 0.18 15.44
CA GLU A 335 -24.94 1.19 16.29
C GLU A 335 -23.82 1.94 15.55
N ILE A 336 -22.76 1.22 15.18
CA ILE A 336 -21.64 1.84 14.46
C ILE A 336 -22.09 2.63 13.24
N SER A 337 -23.00 2.06 12.46
CA SER A 337 -23.48 2.71 11.25
C SER A 337 -24.09 4.08 11.52
N ARG A 338 -24.89 4.19 12.59
CA ARG A 338 -25.51 5.47 12.90
C ARG A 338 -24.48 6.46 13.45
N GLU A 339 -23.57 5.96 14.28
CA GLU A 339 -22.53 6.81 14.86
C GLU A 339 -21.67 7.46 13.78
N VAL A 340 -21.34 6.73 12.73
CA VAL A 340 -20.51 7.28 11.66
C VAL A 340 -21.34 7.89 10.54
N GLY A 341 -22.65 7.97 10.77
CA GLY A 341 -23.54 8.55 9.76
C GLY A 341 -23.67 7.80 8.44
N ASP A 342 -23.58 6.47 8.48
CA ASP A 342 -23.71 5.66 7.27
C ASP A 342 -25.17 5.26 7.08
N LYS A 343 -25.82 5.85 6.08
CA LYS A 343 -27.23 5.57 5.82
C LYS A 343 -27.54 4.14 5.34
N SER A 344 -26.92 3.72 4.26
CA SER A 344 -27.19 2.38 3.73
C SER A 344 -26.93 1.30 4.78
N GLY A 345 -25.84 1.46 5.51
CA GLY A 345 -25.51 0.49 6.55
C GLY A 345 -26.54 0.45 7.65
N GLU A 346 -27.02 1.63 8.03
CA GLU A 346 -28.02 1.70 9.09
C GLU A 346 -29.23 0.88 8.67
N LEU A 347 -29.69 1.12 7.45
CA LEU A 347 -30.86 0.41 6.96
C LEU A 347 -30.63 -1.09 6.86
N THR A 348 -29.50 -1.51 6.30
CA THR A 348 -29.26 -2.94 6.18
C THR A 348 -29.10 -3.59 7.57
N ALA A 349 -28.40 -2.91 8.48
CA ALA A 349 -28.23 -3.47 9.82
C ALA A 349 -29.62 -3.59 10.45
N ARG A 350 -30.47 -2.61 10.14
CA ARG A 350 -31.84 -2.58 10.63
C ARG A 350 -32.58 -3.78 10.07
N LEU A 351 -32.57 -3.92 8.74
CA LEU A 351 -33.24 -5.04 8.08
C LEU A 351 -32.72 -6.38 8.59
N ASN A 352 -31.45 -6.45 8.96
CA ASN A 352 -30.90 -7.71 9.48
C ASN A 352 -31.40 -8.01 10.88
N LEU A 353 -31.61 -6.97 11.67
CA LEU A 353 -32.10 -7.14 13.04
C LEU A 353 -33.53 -7.59 13.09
N SER A 354 -34.41 -6.90 12.37
CA SER A 354 -35.81 -7.28 12.37
C SER A 354 -35.97 -8.68 11.78
N ASP A 355 -35.19 -9.01 10.75
CA ASP A 355 -35.29 -10.33 10.16
C ASP A 355 -34.91 -11.41 11.17
N LEU A 356 -33.79 -11.23 11.86
CA LEU A 356 -33.36 -12.17 12.87
C LEU A 356 -34.40 -12.26 14.01
N GLN A 357 -35.05 -11.14 14.32
CA GLN A 357 -36.05 -11.15 15.38
C GLN A 357 -37.27 -11.92 14.89
N MET A 358 -37.52 -11.84 13.58
CA MET A 358 -38.63 -12.55 12.98
C MET A 358 -38.34 -14.05 13.05
N VAL A 359 -37.13 -14.43 12.61
CA VAL A 359 -36.71 -15.82 12.62
C VAL A 359 -36.89 -16.44 14.00
N LEU A 360 -36.55 -15.68 15.03
CA LEU A 360 -36.69 -16.18 16.39
C LEU A 360 -38.14 -16.27 16.85
N GLY A 361 -38.87 -15.17 16.75
CA GLY A 361 -40.26 -15.15 17.18
C GLY A 361 -41.19 -16.11 16.46
N LEU A 362 -40.91 -16.36 15.19
CA LEU A 362 -41.73 -17.26 14.39
C LEU A 362 -41.36 -18.72 14.62
N SER A 363 -40.28 -18.94 15.36
CA SER A 363 -39.83 -20.30 15.67
C SER A 363 -40.60 -20.89 16.84
N TYR A 364 -41.68 -20.21 17.24
CA TYR A 364 -42.52 -20.66 18.33
C TYR A 364 -43.97 -20.68 17.84
N SER A 365 -44.63 -21.82 18.03
CA SER A 365 -46.02 -21.99 17.60
C SER A 365 -46.89 -20.81 18.01
N THR A 366 -48.03 -20.67 17.35
CA THR A 366 -48.98 -19.58 17.63
C THR A 366 -49.63 -19.80 18.99
N GLU B 11 1.02 -41.35 -63.12
CA GLU B 11 0.06 -40.23 -63.28
C GLU B 11 -1.38 -40.72 -63.09
N LEU B 12 -1.52 -41.99 -62.76
CA LEU B 12 -2.84 -42.59 -62.55
C LEU B 12 -3.43 -42.04 -61.24
N ALA B 13 -2.57 -41.41 -60.45
CA ALA B 13 -2.98 -40.85 -59.17
C ALA B 13 -3.57 -39.46 -59.40
N LEU B 14 -3.22 -38.85 -60.52
CA LEU B 14 -3.72 -37.52 -60.86
C LEU B 14 -5.24 -37.52 -60.82
N GLU B 15 -5.83 -38.71 -60.88
CA GLU B 15 -7.27 -38.86 -60.84
C GLU B 15 -7.73 -38.84 -59.38
N GLY B 16 -6.98 -39.56 -58.53
CA GLY B 16 -7.32 -39.60 -57.13
C GLY B 16 -7.19 -38.21 -56.53
N GLU B 17 -6.34 -37.38 -57.15
CA GLU B 17 -6.13 -36.01 -56.69
C GLU B 17 -7.43 -35.25 -56.76
N ARG B 18 -7.88 -34.98 -57.97
CA ARG B 18 -9.14 -34.25 -58.17
C ARG B 18 -10.31 -35.01 -57.56
N LEU B 19 -10.15 -36.33 -57.39
CA LEU B 19 -11.20 -37.16 -56.81
C LEU B 19 -11.45 -36.68 -55.38
N CYS B 20 -10.40 -36.19 -54.73
CA CYS B 20 -10.51 -35.68 -53.36
C CYS B 20 -11.04 -34.26 -53.43
N LYS B 21 -10.67 -33.54 -54.49
CA LYS B 21 -11.11 -32.17 -54.68
C LYS B 21 -12.60 -32.15 -55.01
N SER B 22 -13.28 -33.26 -54.80
CA SER B 22 -14.70 -33.36 -55.07
C SER B 22 -15.51 -33.84 -53.87
N GLY B 23 -14.87 -33.84 -52.70
CA GLY B 23 -15.56 -34.26 -51.49
C GLY B 23 -15.35 -35.72 -51.10
N ASP B 24 -15.18 -36.58 -52.08
CA ASP B 24 -14.98 -38.00 -51.80
C ASP B 24 -13.50 -38.38 -51.82
N CYS B 25 -12.95 -38.61 -50.63
CA CYS B 25 -11.55 -38.99 -50.51
C CYS B 25 -11.45 -40.49 -50.31
N ARG B 26 -12.48 -41.08 -49.72
CA ARG B 26 -12.50 -42.52 -49.48
C ARG B 26 -12.12 -43.28 -50.73
N ALA B 27 -12.59 -42.79 -51.88
CA ALA B 27 -12.28 -43.41 -53.16
C ALA B 27 -10.98 -42.82 -53.70
N GLY B 28 -10.79 -41.53 -53.48
CA GLY B 28 -9.58 -40.89 -53.94
C GLY B 28 -8.35 -41.63 -53.46
N VAL B 29 -8.45 -42.18 -52.25
CA VAL B 29 -7.36 -42.94 -51.65
C VAL B 29 -7.09 -44.17 -52.49
N SER B 30 -8.16 -44.80 -52.97
CA SER B 30 -8.05 -45.98 -53.79
C SER B 30 -7.16 -45.67 -54.99
N PHE B 31 -7.47 -44.59 -55.69
CA PHE B 31 -6.70 -44.17 -56.86
C PHE B 31 -5.24 -43.90 -56.51
N PHE B 32 -4.98 -43.55 -55.26
CA PHE B 32 -3.62 -43.29 -54.81
C PHE B 32 -2.96 -44.61 -54.41
N GLU B 33 -3.69 -45.41 -53.63
CA GLU B 33 -3.21 -46.71 -53.17
C GLU B 33 -2.60 -47.47 -54.34
N ALA B 34 -3.24 -47.34 -55.50
CA ALA B 34 -2.79 -48.00 -56.71
C ALA B 34 -1.57 -47.29 -57.28
N ALA B 35 -1.60 -45.96 -57.30
CA ALA B 35 -0.49 -45.18 -57.80
C ALA B 35 0.78 -45.69 -57.15
N VAL B 36 0.64 -46.13 -55.90
CA VAL B 36 1.76 -46.66 -55.14
C VAL B 36 2.09 -48.08 -55.59
N GLN B 37 1.05 -48.87 -55.86
CA GLN B 37 1.24 -50.25 -56.32
C GLN B 37 2.04 -50.20 -57.62
N VAL B 38 1.61 -49.32 -58.52
CA VAL B 38 2.28 -49.15 -59.81
C VAL B 38 3.69 -48.61 -59.58
N GLY B 39 3.77 -47.52 -58.82
CA GLY B 39 5.07 -46.93 -58.53
C GLY B 39 5.46 -45.86 -59.53
N THR B 40 6.71 -45.42 -59.44
CA THR B 40 7.24 -44.39 -60.33
C THR B 40 8.66 -44.02 -59.95
N GLU B 41 9.27 -43.18 -60.75
CA GLU B 41 10.64 -42.73 -60.51
C GLU B 41 10.71 -41.21 -60.55
N ASP B 42 9.56 -40.56 -60.65
CA ASP B 42 9.51 -39.10 -60.67
C ASP B 42 9.29 -38.64 -59.23
N LEU B 43 10.31 -38.86 -58.41
CA LEU B 43 10.31 -38.52 -56.99
C LEU B 43 9.53 -37.24 -56.63
N LYS B 44 9.58 -36.25 -57.52
CA LYS B 44 8.87 -35.00 -57.27
C LYS B 44 7.36 -35.23 -57.18
N THR B 45 6.81 -35.98 -58.13
CA THR B 45 5.39 -36.27 -58.13
C THR B 45 5.09 -37.44 -57.18
N LEU B 46 6.09 -38.28 -56.95
CA LEU B 46 5.95 -39.43 -56.06
C LEU B 46 5.68 -38.90 -54.65
N SER B 47 6.38 -37.83 -54.31
CA SER B 47 6.25 -37.18 -53.01
C SER B 47 4.83 -36.67 -52.83
N ALA B 48 4.35 -35.95 -53.85
CA ALA B 48 3.00 -35.39 -53.84
C ALA B 48 1.95 -36.48 -53.64
N ILE B 49 2.33 -37.73 -53.91
CA ILE B 49 1.42 -38.86 -53.77
C ILE B 49 1.20 -39.16 -52.29
N TYR B 50 2.29 -39.34 -51.56
CA TYR B 50 2.22 -39.62 -50.13
C TYR B 50 1.60 -38.41 -49.43
N SER B 51 1.99 -37.22 -49.88
CA SER B 51 1.49 -35.98 -49.31
C SER B 51 -0.03 -35.90 -49.36
N GLN B 52 -0.59 -36.03 -50.56
CA GLN B 52 -2.04 -35.98 -50.72
C GLN B 52 -2.72 -37.25 -50.21
N LEU B 53 -1.99 -38.35 -50.18
CA LEU B 53 -2.53 -39.61 -49.69
C LEU B 53 -2.61 -39.51 -48.17
N GLY B 54 -1.74 -38.66 -47.61
CA GLY B 54 -1.71 -38.49 -46.16
C GLY B 54 -2.77 -37.51 -45.68
N ASN B 55 -2.94 -36.42 -46.41
CA ASN B 55 -3.93 -35.42 -46.05
C ASN B 55 -5.34 -35.99 -46.20
N ALA B 56 -5.53 -36.86 -47.19
CA ALA B 56 -6.82 -37.48 -47.44
C ALA B 56 -7.25 -38.27 -46.21
N TYR B 57 -6.36 -39.11 -45.72
CA TYR B 57 -6.64 -39.91 -44.53
C TYR B 57 -6.97 -39.05 -43.32
N PHE B 58 -6.35 -37.87 -43.26
CA PHE B 58 -6.59 -36.94 -42.16
C PHE B 58 -8.06 -36.53 -42.23
N TYR B 59 -8.49 -36.15 -43.43
CA TYR B 59 -9.86 -35.74 -43.66
C TYR B 59 -10.84 -36.86 -43.31
N LEU B 60 -10.44 -38.10 -43.53
CA LEU B 60 -11.30 -39.23 -43.23
C LEU B 60 -11.19 -39.64 -41.77
N HIS B 61 -10.34 -38.94 -41.03
CA HIS B 61 -10.13 -39.20 -39.62
C HIS B 61 -9.36 -40.47 -39.30
N ASP B 62 -8.58 -40.95 -40.27
CA ASP B 62 -7.76 -42.14 -40.05
C ASP B 62 -6.33 -41.64 -39.85
N TYR B 63 -6.15 -40.91 -38.75
CA TYR B 63 -4.88 -40.30 -38.38
C TYR B 63 -3.72 -41.29 -38.36
N ALA B 64 -4.01 -42.55 -38.01
CA ALA B 64 -2.98 -43.56 -37.97
C ALA B 64 -2.33 -43.67 -39.35
N LYS B 65 -3.17 -43.68 -40.40
CA LYS B 65 -2.68 -43.79 -41.77
C LYS B 65 -2.11 -42.47 -42.27
N ALA B 66 -2.69 -41.35 -41.83
CA ALA B 66 -2.21 -40.04 -42.24
C ALA B 66 -0.80 -39.86 -41.69
N LEU B 67 -0.59 -40.37 -40.48
CA LEU B 67 0.72 -40.28 -39.85
C LEU B 67 1.70 -41.12 -40.65
N GLU B 68 1.23 -42.28 -41.10
CA GLU B 68 2.03 -43.21 -41.87
C GLU B 68 2.56 -42.65 -43.19
N TYR B 69 1.67 -42.14 -44.04
CA TYR B 69 2.09 -41.60 -45.32
C TYR B 69 2.91 -40.32 -45.20
N HIS B 70 2.49 -39.42 -44.32
CA HIS B 70 3.22 -38.17 -44.13
C HIS B 70 4.63 -38.53 -43.68
N HIS B 71 4.72 -39.57 -42.86
CA HIS B 71 5.99 -40.03 -42.35
C HIS B 71 6.87 -40.50 -43.51
N HIS B 72 6.24 -41.05 -44.55
CA HIS B 72 6.94 -41.52 -45.74
C HIS B 72 7.38 -40.34 -46.59
N ASP B 73 6.49 -39.36 -46.74
CA ASP B 73 6.78 -38.18 -47.53
C ASP B 73 7.94 -37.39 -46.93
N LEU B 74 8.25 -37.68 -45.67
CA LEU B 74 9.34 -36.99 -44.99
C LEU B 74 10.67 -37.60 -45.44
N THR B 75 10.78 -38.92 -45.32
CA THR B 75 11.97 -39.65 -45.72
C THR B 75 12.34 -39.31 -47.16
N LEU B 76 11.40 -39.54 -48.07
CA LEU B 76 11.60 -39.26 -49.48
C LEU B 76 11.93 -37.79 -49.76
N ALA B 77 11.47 -36.90 -48.88
CA ALA B 77 11.73 -35.48 -49.06
C ALA B 77 13.21 -35.14 -48.87
N ARG B 78 13.83 -35.82 -47.91
CA ARG B 78 15.23 -35.60 -47.61
C ARG B 78 16.14 -36.15 -48.72
N THR B 79 15.73 -37.29 -49.28
CA THR B 79 16.50 -37.93 -50.33
C THR B 79 16.96 -36.96 -51.41
N ILE B 80 16.02 -36.41 -52.18
CA ILE B 80 16.36 -35.47 -53.23
C ILE B 80 16.76 -34.09 -52.70
N GLY B 81 17.04 -34.03 -51.40
CA GLY B 81 17.42 -32.76 -50.79
C GLY B 81 16.37 -31.68 -51.03
N ASP B 82 15.10 -32.08 -50.96
CA ASP B 82 13.98 -31.16 -51.17
C ASP B 82 13.57 -30.50 -49.85
N GLN B 83 14.36 -29.52 -49.43
CA GLN B 83 14.07 -28.79 -48.18
C GLN B 83 12.71 -28.10 -48.26
N LEU B 84 12.55 -27.25 -49.28
CA LEU B 84 11.31 -26.51 -49.49
C LEU B 84 10.12 -27.48 -49.46
N GLY B 85 10.42 -28.77 -49.53
CA GLY B 85 9.37 -29.78 -49.50
C GLY B 85 9.43 -30.59 -48.23
N GLU B 86 10.61 -30.70 -47.63
CA GLU B 86 10.78 -31.46 -46.39
C GLU B 86 10.08 -30.74 -45.25
N ALA B 87 10.12 -29.41 -45.30
CA ALA B 87 9.49 -28.60 -44.27
C ALA B 87 8.00 -28.86 -44.30
N LYS B 88 7.41 -28.68 -45.48
CA LYS B 88 5.98 -28.92 -45.67
C LYS B 88 5.56 -30.23 -45.03
N ALA B 89 6.43 -31.24 -45.16
CA ALA B 89 6.16 -32.56 -44.60
C ALA B 89 6.11 -32.53 -43.08
N SER B 90 7.13 -31.92 -42.46
CA SER B 90 7.21 -31.82 -41.01
C SER B 90 5.94 -31.17 -40.46
N GLY B 91 5.43 -30.18 -41.19
CA GLY B 91 4.22 -29.49 -40.78
C GLY B 91 3.00 -30.40 -40.70
N ASN B 92 2.74 -31.12 -41.78
CA ASN B 92 1.59 -32.02 -41.83
C ASN B 92 1.81 -33.17 -40.85
N LEU B 93 3.07 -33.57 -40.67
CA LEU B 93 3.36 -34.64 -39.75
C LEU B 93 3.19 -34.11 -38.34
N GLY B 94 3.55 -32.84 -38.14
CA GLY B 94 3.40 -32.22 -36.84
C GLY B 94 1.94 -32.10 -36.47
N ASN B 95 1.11 -31.74 -37.45
CA ASN B 95 -0.32 -31.61 -37.20
C ASN B 95 -0.96 -32.94 -36.88
N THR B 96 -0.56 -33.98 -37.61
CA THR B 96 -1.12 -35.30 -37.37
C THR B 96 -0.72 -35.72 -35.97
N LEU B 97 0.55 -35.51 -35.65
CA LEU B 97 1.06 -35.86 -34.34
C LEU B 97 0.29 -35.15 -33.22
N LYS B 98 -0.06 -33.89 -33.46
CA LYS B 98 -0.80 -33.10 -32.47
C LYS B 98 -2.15 -33.76 -32.19
N VAL B 99 -2.91 -34.00 -33.25
CA VAL B 99 -4.22 -34.63 -33.14
C VAL B 99 -4.13 -35.96 -32.39
N LEU B 100 -3.04 -36.68 -32.65
CA LEU B 100 -2.81 -37.97 -32.01
C LEU B 100 -2.37 -37.90 -30.55
N GLY B 101 -2.01 -36.70 -30.10
CA GLY B 101 -1.61 -36.53 -28.71
C GLY B 101 -0.11 -36.48 -28.46
N ASN B 102 0.68 -36.59 -29.53
CA ASN B 102 2.13 -36.54 -29.39
C ASN B 102 2.60 -35.09 -29.53
N PHE B 103 2.41 -34.31 -28.46
CA PHE B 103 2.77 -32.91 -28.49
C PHE B 103 4.28 -32.72 -28.61
N ASP B 104 5.03 -33.47 -27.81
CA ASP B 104 6.49 -33.40 -27.85
C ASP B 104 6.97 -33.51 -29.29
N GLU B 105 6.57 -34.57 -29.98
CA GLU B 105 6.98 -34.78 -31.36
C GLU B 105 6.40 -33.71 -32.28
N ALA B 106 5.13 -33.39 -32.08
CA ALA B 106 4.47 -32.37 -32.89
C ALA B 106 5.34 -31.13 -32.92
N ILE B 107 5.80 -30.72 -31.74
CA ILE B 107 6.65 -29.54 -31.62
C ILE B 107 7.93 -29.72 -32.44
N VAL B 108 8.60 -30.84 -32.22
CA VAL B 108 9.85 -31.12 -32.95
C VAL B 108 9.63 -31.03 -34.45
N CYS B 109 8.57 -31.67 -34.95
CA CYS B 109 8.28 -31.63 -36.37
C CYS B 109 8.02 -30.21 -36.83
N CYS B 110 7.08 -29.53 -36.16
CA CYS B 110 6.73 -28.15 -36.52
C CYS B 110 7.92 -27.21 -36.35
N GLN B 111 8.73 -27.47 -35.33
CA GLN B 111 9.91 -26.64 -35.08
C GLN B 111 10.87 -26.77 -36.28
N ARG B 112 11.03 -28.00 -36.78
CA ARG B 112 11.90 -28.26 -37.93
C ARG B 112 11.35 -27.47 -39.10
N HIS B 113 10.04 -27.55 -39.29
CA HIS B 113 9.35 -26.84 -40.36
C HIS B 113 9.74 -25.37 -40.31
N LEU B 114 9.84 -24.83 -39.09
CA LEU B 114 10.18 -23.43 -38.88
C LEU B 114 11.61 -23.11 -39.34
N ASP B 115 12.59 -23.77 -38.73
CA ASP B 115 13.99 -23.55 -39.07
C ASP B 115 14.24 -23.62 -40.57
N ILE B 116 13.79 -24.70 -41.21
CA ILE B 116 13.98 -24.86 -42.64
C ILE B 116 13.44 -23.65 -43.39
N SER B 117 12.18 -23.34 -43.16
CA SER B 117 11.53 -22.20 -43.82
C SER B 117 12.38 -20.95 -43.67
N ARG B 118 13.03 -20.82 -42.53
CA ARG B 118 13.87 -19.66 -42.24
C ARG B 118 15.18 -19.65 -43.04
N GLU B 119 15.96 -20.72 -42.92
CA GLU B 119 17.22 -20.80 -43.64
C GLU B 119 17.03 -20.80 -45.16
N LEU B 120 15.79 -20.90 -45.61
CA LEU B 120 15.47 -20.86 -47.05
C LEU B 120 14.94 -19.47 -47.34
N ASN B 121 14.72 -18.70 -46.27
CA ASN B 121 14.20 -17.35 -46.35
C ASN B 121 12.77 -17.33 -46.86
N ASP B 122 12.03 -18.39 -46.59
CA ASP B 122 10.64 -18.50 -47.00
C ASP B 122 9.77 -17.84 -45.92
N LYS B 123 9.35 -16.60 -46.17
CA LYS B 123 8.55 -15.87 -45.20
C LYS B 123 7.17 -16.49 -44.92
N VAL B 124 6.42 -16.79 -45.97
CA VAL B 124 5.10 -17.38 -45.78
C VAL B 124 5.20 -18.73 -45.08
N GLY B 125 6.24 -19.48 -45.42
CA GLY B 125 6.42 -20.79 -44.81
C GLY B 125 6.71 -20.69 -43.33
N GLU B 126 7.51 -19.69 -42.98
CA GLU B 126 7.88 -19.46 -41.59
C GLU B 126 6.62 -19.13 -40.80
N ALA B 127 5.81 -18.22 -41.35
CA ALA B 127 4.58 -17.81 -40.72
C ALA B 127 3.71 -19.00 -40.36
N ARG B 128 3.44 -19.85 -41.35
CA ARG B 128 2.61 -21.01 -41.15
C ARG B 128 3.15 -21.93 -40.08
N ALA B 129 4.47 -22.04 -39.99
CA ALA B 129 5.07 -22.90 -38.97
C ALA B 129 4.82 -22.29 -37.58
N LEU B 130 4.90 -20.96 -37.50
CA LEU B 130 4.66 -20.27 -36.24
C LEU B 130 3.23 -20.52 -35.81
N TYR B 131 2.31 -20.42 -36.77
CA TYR B 131 0.90 -20.64 -36.52
C TYR B 131 0.66 -22.07 -36.00
N ASN B 132 1.30 -23.06 -36.64
CA ASN B 132 1.15 -24.45 -36.22
C ASN B 132 1.67 -24.69 -34.82
N LEU B 133 2.82 -24.09 -34.50
CA LEU B 133 3.39 -24.27 -33.17
C LEU B 133 2.40 -23.71 -32.15
N GLY B 134 1.81 -22.56 -32.47
CA GLY B 134 0.83 -21.96 -31.58
C GLY B 134 -0.31 -22.93 -31.35
N ASN B 135 -0.80 -23.55 -32.42
CA ASN B 135 -1.89 -24.50 -32.30
C ASN B 135 -1.49 -25.75 -31.50
N VAL B 136 -0.23 -26.16 -31.63
CA VAL B 136 0.21 -27.35 -30.91
C VAL B 136 0.22 -27.08 -29.41
N TYR B 137 0.85 -25.97 -29.01
CA TYR B 137 0.89 -25.62 -27.59
C TYR B 137 -0.52 -25.35 -27.03
N HIS B 138 -1.38 -24.74 -27.84
CA HIS B 138 -2.74 -24.47 -27.41
C HIS B 138 -3.36 -25.82 -27.05
N ALA B 139 -3.32 -26.76 -28.00
CA ALA B 139 -3.87 -28.10 -27.77
C ALA B 139 -3.21 -28.75 -26.58
N LYS B 140 -1.89 -28.60 -26.49
CA LYS B 140 -1.17 -29.17 -25.36
C LYS B 140 -1.73 -28.59 -24.06
N GLY B 141 -2.03 -27.30 -24.08
CA GLY B 141 -2.59 -26.65 -22.90
C GLY B 141 -3.93 -27.25 -22.48
N LYS B 142 -4.67 -27.76 -23.46
CA LYS B 142 -5.97 -28.36 -23.19
C LYS B 142 -5.90 -29.82 -22.76
N SER B 143 -4.81 -30.50 -23.09
CA SER B 143 -4.67 -31.92 -22.77
C SER B 143 -4.65 -32.27 -21.29
N PHE B 144 -3.85 -31.54 -20.51
CA PHE B 144 -3.74 -31.81 -19.09
C PHE B 144 -5.07 -32.04 -18.39
N GLY B 145 -6.11 -31.36 -18.86
CA GLY B 145 -7.44 -31.53 -18.27
C GLY B 145 -7.57 -30.88 -16.90
N VAL B 152 -7.41 -28.82 -5.79
CA VAL B 152 -8.47 -29.20 -6.73
C VAL B 152 -9.05 -27.97 -7.45
N GLY B 153 -8.52 -26.79 -7.11
CA GLY B 153 -8.98 -25.55 -7.71
C GLY B 153 -7.80 -24.67 -8.11
N GLU B 154 -6.67 -25.30 -8.35
CA GLU B 154 -5.45 -24.60 -8.73
C GLU B 154 -5.22 -24.70 -10.23
N PHE B 155 -4.88 -23.58 -10.87
CA PHE B 155 -4.59 -23.56 -12.30
C PHE B 155 -3.16 -24.12 -12.41
N PRO B 156 -3.01 -25.29 -13.02
CA PRO B 156 -1.70 -25.92 -13.18
C PRO B 156 -0.67 -25.10 -13.94
N GLU B 157 0.52 -24.97 -13.38
CA GLU B 157 1.58 -24.22 -14.03
C GLU B 157 1.91 -24.82 -15.41
N GLU B 158 1.75 -26.13 -15.53
CA GLU B 158 2.03 -26.78 -16.81
C GLU B 158 1.02 -26.28 -17.85
N VAL B 159 -0.21 -26.04 -17.41
CA VAL B 159 -1.25 -25.55 -18.31
C VAL B 159 -0.94 -24.11 -18.71
N ARG B 160 -0.60 -23.29 -17.71
CA ARG B 160 -0.28 -21.90 -17.93
C ARG B 160 0.88 -21.78 -18.90
N ASP B 161 1.96 -22.51 -18.64
CA ASP B 161 3.15 -22.46 -19.49
C ASP B 161 2.88 -22.81 -20.96
N ALA B 162 2.03 -23.81 -21.19
CA ALA B 162 1.71 -24.20 -22.56
C ALA B 162 0.91 -23.11 -23.28
N LEU B 163 -0.09 -22.56 -22.59
CA LEU B 163 -0.92 -21.52 -23.16
C LEU B 163 -0.11 -20.24 -23.43
N GLN B 164 0.81 -19.89 -22.54
CA GLN B 164 1.64 -18.70 -22.75
C GLN B 164 2.54 -18.92 -23.96
N ALA B 165 3.00 -20.17 -24.16
CA ALA B 165 3.86 -20.50 -25.30
C ALA B 165 3.05 -20.31 -26.58
N ALA B 166 1.80 -20.74 -26.55
CA ALA B 166 0.91 -20.58 -27.69
C ALA B 166 0.84 -19.08 -27.99
N VAL B 167 0.58 -18.29 -26.94
CA VAL B 167 0.47 -16.85 -27.08
C VAL B 167 1.69 -16.29 -27.81
N ASP B 168 2.88 -16.70 -27.39
CA ASP B 168 4.08 -16.20 -28.03
C ASP B 168 4.09 -16.52 -29.52
N PHE B 169 3.82 -17.78 -29.87
CA PHE B 169 3.83 -18.13 -31.27
C PHE B 169 2.77 -17.38 -32.07
N TYR B 170 1.54 -17.33 -31.56
CA TYR B 170 0.49 -16.61 -32.27
C TYR B 170 0.90 -15.14 -32.47
N GLU B 171 1.64 -14.56 -31.53
CA GLU B 171 2.07 -13.18 -31.67
C GLU B 171 3.13 -13.02 -32.75
N GLU B 172 4.08 -13.96 -32.82
CA GLU B 172 5.12 -13.91 -33.85
C GLU B 172 4.45 -14.07 -35.21
N ASN B 173 3.48 -14.99 -35.27
CA ASN B 173 2.76 -15.22 -36.50
C ASN B 173 2.05 -13.95 -36.91
N LEU B 174 1.29 -13.39 -35.98
CA LEU B 174 0.55 -12.16 -36.24
C LEU B 174 1.46 -11.04 -36.70
N SER B 175 2.67 -11.01 -36.16
CA SER B 175 3.62 -9.97 -36.51
C SER B 175 4.11 -10.15 -37.95
N LEU B 176 4.47 -11.38 -38.30
CA LEU B 176 4.96 -11.68 -39.65
C LEU B 176 3.84 -11.54 -40.70
N VAL B 177 2.74 -12.25 -40.48
CA VAL B 177 1.58 -12.20 -41.36
C VAL B 177 1.11 -10.75 -41.59
N THR B 178 1.26 -9.90 -40.58
CA THR B 178 0.84 -8.51 -40.72
C THR B 178 1.81 -7.79 -41.63
N ALA B 179 3.08 -8.19 -41.57
CA ALA B 179 4.12 -7.59 -42.41
C ALA B 179 3.90 -8.03 -43.86
N LEU B 180 3.34 -9.23 -44.03
CA LEU B 180 3.06 -9.77 -45.35
C LEU B 180 1.76 -9.21 -45.93
N GLY B 181 0.97 -8.53 -45.11
CA GLY B 181 -0.27 -7.97 -45.61
C GLY B 181 -1.36 -9.01 -45.84
N ASP B 182 -1.22 -10.18 -45.22
CA ASP B 182 -2.20 -11.26 -45.35
C ASP B 182 -3.33 -11.07 -44.33
N ARG B 183 -4.26 -10.18 -44.65
CA ARG B 183 -5.38 -9.85 -43.79
C ARG B 183 -6.15 -11.04 -43.21
N ALA B 184 -6.37 -12.07 -44.03
CA ALA B 184 -7.11 -13.26 -43.59
C ALA B 184 -6.34 -14.06 -42.55
N ALA B 185 -5.03 -14.14 -42.71
CA ALA B 185 -4.21 -14.88 -41.76
C ALA B 185 -4.18 -14.11 -40.43
N GLN B 186 -4.28 -12.78 -40.51
CA GLN B 186 -4.29 -11.95 -39.32
C GLN B 186 -5.52 -12.32 -38.52
N GLY B 187 -6.64 -12.43 -39.22
CA GLY B 187 -7.89 -12.79 -38.60
C GLY B 187 -7.84 -14.10 -37.84
N ARG B 188 -7.10 -15.06 -38.38
CA ARG B 188 -7.00 -16.36 -37.72
C ARG B 188 -6.08 -16.27 -36.52
N ALA B 189 -5.05 -15.44 -36.61
CA ALA B 189 -4.13 -15.29 -35.49
C ALA B 189 -4.87 -14.61 -34.32
N PHE B 190 -5.58 -13.52 -34.61
CA PHE B 190 -6.32 -12.82 -33.56
C PHE B 190 -7.30 -13.75 -32.86
N GLY B 191 -7.99 -14.56 -33.65
CA GLY B 191 -8.97 -15.47 -33.08
C GLY B 191 -8.35 -16.47 -32.12
N ASN B 192 -7.28 -17.12 -32.56
CA ASN B 192 -6.64 -18.09 -31.69
C ASN B 192 -5.97 -17.42 -30.51
N LEU B 193 -5.51 -16.20 -30.74
CA LEU B 193 -4.86 -15.44 -29.69
C LEU B 193 -5.90 -15.09 -28.62
N GLY B 194 -7.08 -14.67 -29.07
CA GLY B 194 -8.14 -14.30 -28.15
C GLY B 194 -8.62 -15.48 -27.32
N ASN B 195 -8.70 -16.65 -27.94
CA ASN B 195 -9.15 -17.84 -27.23
C ASN B 195 -8.11 -18.36 -26.24
N THR B 196 -6.84 -18.19 -26.57
CA THR B 196 -5.77 -18.64 -25.68
C THR B 196 -5.76 -17.72 -24.44
N HIS B 197 -5.89 -16.41 -24.67
CA HIS B 197 -5.91 -15.47 -23.55
C HIS B 197 -7.10 -15.75 -22.67
N TYR B 198 -8.21 -16.11 -23.30
CA TYR B 198 -9.44 -16.44 -22.60
C TYR B 198 -9.22 -17.62 -21.66
N LEU B 199 -8.65 -18.70 -22.18
CA LEU B 199 -8.39 -19.86 -21.35
C LEU B 199 -7.37 -19.53 -20.27
N LEU B 200 -6.47 -18.59 -20.54
CA LEU B 200 -5.47 -18.21 -19.56
C LEU B 200 -6.03 -17.34 -18.44
N GLY B 201 -7.07 -16.58 -18.74
CA GLY B 201 -7.64 -15.69 -17.74
C GLY B 201 -7.19 -14.26 -17.97
N ASN B 202 -6.79 -13.95 -19.21
CA ASN B 202 -6.40 -12.60 -19.60
C ASN B 202 -7.58 -12.13 -20.44
N PHE B 203 -8.71 -11.95 -19.78
CA PHE B 203 -9.94 -11.55 -20.44
C PHE B 203 -9.96 -10.28 -21.28
N ARG B 204 -9.25 -9.24 -20.85
CA ARG B 204 -9.28 -8.01 -21.63
C ARG B 204 -8.49 -8.21 -22.93
N ASP B 205 -7.34 -8.88 -22.85
CA ASP B 205 -6.57 -9.13 -24.06
C ASP B 205 -7.35 -10.06 -24.98
N ALA B 206 -8.19 -10.91 -24.40
CA ALA B 206 -9.00 -11.79 -25.22
C ALA B 206 -9.92 -10.86 -26.03
N VAL B 207 -10.64 -9.99 -25.32
CA VAL B 207 -11.55 -9.05 -25.96
C VAL B 207 -10.88 -8.24 -27.07
N ILE B 208 -9.70 -7.71 -26.80
CA ILE B 208 -9.00 -6.91 -27.80
C ILE B 208 -8.68 -7.74 -29.05
N ALA B 209 -8.23 -8.98 -28.86
CA ALA B 209 -7.91 -9.84 -30.00
C ALA B 209 -9.21 -10.12 -30.77
N HIS B 210 -10.26 -10.52 -30.06
CA HIS B 210 -11.52 -10.81 -30.71
C HIS B 210 -12.15 -9.62 -31.43
N GLU B 211 -11.88 -8.40 -30.95
CA GLU B 211 -12.44 -7.22 -31.62
C GLU B 211 -11.79 -7.12 -32.99
N GLN B 212 -10.51 -7.50 -33.06
CA GLN B 212 -9.81 -7.44 -34.34
C GLN B 212 -10.25 -8.60 -35.21
N ARG B 213 -10.64 -9.72 -34.60
CA ARG B 213 -11.12 -10.86 -35.40
C ARG B 213 -12.44 -10.46 -36.01
N LEU B 214 -13.26 -9.74 -35.23
CA LEU B 214 -14.55 -9.27 -35.68
C LEU B 214 -14.41 -8.34 -36.89
N LEU B 215 -13.55 -7.33 -36.76
CA LEU B 215 -13.34 -6.38 -37.84
C LEU B 215 -12.96 -7.11 -39.13
N ILE B 216 -11.95 -7.96 -39.04
CA ILE B 216 -11.50 -8.69 -40.21
C ILE B 216 -12.58 -9.62 -40.77
N ALA B 217 -13.45 -10.12 -39.89
CA ALA B 217 -14.53 -10.99 -40.34
C ALA B 217 -15.51 -10.16 -41.17
N LYS B 218 -15.83 -8.96 -40.69
CA LYS B 218 -16.73 -8.10 -41.42
C LYS B 218 -16.11 -7.76 -42.78
N GLU B 219 -14.80 -7.57 -42.80
CA GLU B 219 -14.10 -7.24 -44.04
C GLU B 219 -14.25 -8.32 -45.11
N PHE B 220 -14.06 -9.57 -44.72
CA PHE B 220 -14.17 -10.69 -45.64
C PHE B 220 -15.60 -11.20 -45.77
N GLY B 221 -16.55 -10.46 -45.21
CA GLY B 221 -17.93 -10.90 -45.27
C GLY B 221 -18.13 -12.29 -44.69
N ASP B 222 -17.19 -12.72 -43.86
CA ASP B 222 -17.22 -14.04 -43.21
C ASP B 222 -18.19 -14.10 -42.01
N LYS B 223 -19.46 -14.38 -42.27
CA LYS B 223 -20.49 -14.46 -41.23
C LYS B 223 -20.27 -15.51 -40.14
N ALA B 224 -19.59 -16.59 -40.47
CA ALA B 224 -19.34 -17.61 -39.47
C ALA B 224 -18.34 -17.03 -38.47
N ALA B 225 -17.28 -16.41 -38.97
CA ALA B 225 -16.26 -15.81 -38.11
C ALA B 225 -16.80 -14.65 -37.30
N GLU B 226 -17.64 -13.82 -37.91
CA GLU B 226 -18.20 -12.67 -37.22
C GLU B 226 -18.98 -13.18 -36.03
N ARG B 227 -19.71 -14.27 -36.26
CA ARG B 227 -20.52 -14.92 -35.24
C ARG B 227 -19.64 -15.47 -34.11
N ARG B 228 -18.58 -16.18 -34.47
CA ARG B 228 -17.67 -16.73 -33.45
C ARG B 228 -17.12 -15.59 -32.58
N ALA B 229 -16.72 -14.51 -33.22
CA ALA B 229 -16.16 -13.37 -32.50
C ALA B 229 -17.14 -12.78 -31.49
N TYR B 230 -18.40 -12.61 -31.89
CA TYR B 230 -19.41 -12.07 -30.98
C TYR B 230 -19.58 -12.96 -29.74
N SER B 231 -19.57 -14.27 -29.95
CA SER B 231 -19.74 -15.20 -28.83
C SER B 231 -18.52 -15.23 -27.92
N ASN B 232 -17.33 -15.21 -28.51
CA ASN B 232 -16.11 -15.21 -27.74
C ASN B 232 -16.07 -13.92 -26.95
N LEU B 233 -16.54 -12.83 -27.55
CA LEU B 233 -16.56 -11.54 -26.86
C LEU B 233 -17.49 -11.56 -25.63
N GLY B 234 -18.72 -12.02 -25.83
CA GLY B 234 -19.66 -12.09 -24.72
C GLY B 234 -19.15 -12.94 -23.56
N ASN B 235 -18.55 -14.08 -23.90
CA ASN B 235 -18.00 -14.99 -22.90
C ASN B 235 -16.91 -14.31 -22.08
N ALA B 236 -16.04 -13.58 -22.76
CA ALA B 236 -14.94 -12.89 -22.10
C ALA B 236 -15.47 -11.82 -21.15
N TYR B 237 -16.51 -11.11 -21.56
CA TYR B 237 -17.08 -10.08 -20.70
C TYR B 237 -17.72 -10.68 -19.46
N ILE B 238 -18.38 -11.83 -19.63
CA ILE B 238 -19.01 -12.48 -18.50
C ILE B 238 -17.98 -12.64 -17.37
N PHE B 239 -16.79 -13.13 -17.70
CA PHE B 239 -15.79 -13.32 -16.67
C PHE B 239 -15.10 -12.03 -16.21
N LEU B 240 -15.39 -10.93 -16.89
CA LEU B 240 -14.84 -9.65 -16.50
C LEU B 240 -15.87 -9.00 -15.60
N GLY B 241 -16.99 -9.68 -15.41
CA GLY B 241 -18.05 -9.15 -14.57
C GLY B 241 -18.91 -8.11 -15.27
N GLU B 242 -18.68 -7.90 -16.57
CA GLU B 242 -19.44 -6.92 -17.34
C GLU B 242 -20.58 -7.59 -18.06
N PHE B 243 -21.63 -7.86 -17.31
CA PHE B 243 -22.81 -8.55 -17.83
C PHE B 243 -23.63 -7.77 -18.83
N GLU B 244 -23.77 -6.47 -18.61
CA GLU B 244 -24.53 -5.65 -19.52
C GLU B 244 -23.86 -5.77 -20.89
N THR B 245 -22.54 -5.55 -20.92
CA THR B 245 -21.77 -5.63 -22.15
C THR B 245 -21.88 -7.01 -22.81
N ALA B 246 -21.76 -8.07 -22.01
CA ALA B 246 -21.86 -9.42 -22.53
C ALA B 246 -23.21 -9.64 -23.22
N SER B 247 -24.30 -9.20 -22.60
CA SER B 247 -25.62 -9.39 -23.19
C SER B 247 -25.74 -8.72 -24.55
N GLU B 248 -24.99 -7.64 -24.77
CA GLU B 248 -25.02 -6.94 -26.05
C GLU B 248 -24.39 -7.81 -27.13
N TYR B 249 -23.34 -8.53 -26.77
CA TYR B 249 -22.68 -9.39 -27.74
C TYR B 249 -23.46 -10.67 -27.95
N TYR B 250 -24.13 -11.15 -26.91
CA TYR B 250 -24.92 -12.36 -27.10
C TYR B 250 -26.11 -12.01 -27.98
N LYS B 251 -26.65 -10.80 -27.81
CA LYS B 251 -27.78 -10.36 -28.63
C LYS B 251 -27.36 -10.31 -30.10
N LYS B 252 -26.12 -9.90 -30.34
CA LYS B 252 -25.62 -9.84 -31.70
C LYS B 252 -25.42 -11.23 -32.30
N THR B 253 -24.88 -12.16 -31.51
CA THR B 253 -24.69 -13.52 -32.02
C THR B 253 -26.07 -14.10 -32.32
N LEU B 254 -27.07 -13.67 -31.54
CA LEU B 254 -28.44 -14.15 -31.71
C LEU B 254 -29.01 -13.70 -33.06
N LEU B 255 -29.01 -12.40 -33.30
CA LEU B 255 -29.52 -11.84 -34.55
C LEU B 255 -28.82 -12.49 -35.73
N LEU B 256 -27.51 -12.67 -35.62
CA LEU B 256 -26.74 -13.27 -36.69
C LEU B 256 -27.02 -14.76 -36.85
N ALA B 257 -27.23 -15.45 -35.73
CA ALA B 257 -27.50 -16.88 -35.77
C ALA B 257 -28.81 -17.13 -36.51
N ARG B 258 -29.74 -16.19 -36.36
CA ARG B 258 -31.04 -16.32 -37.03
C ARG B 258 -30.89 -16.13 -38.53
N GLN B 259 -30.25 -15.04 -38.94
CA GLN B 259 -30.04 -14.78 -40.36
C GLN B 259 -29.39 -16.01 -40.97
N LEU B 260 -28.28 -16.46 -40.37
CA LEU B 260 -27.59 -17.63 -40.88
C LEU B 260 -28.46 -18.88 -40.81
N LYS B 261 -29.70 -18.71 -40.35
CA LYS B 261 -30.62 -19.82 -40.22
C LYS B 261 -30.00 -20.99 -39.44
N ASP B 262 -29.21 -20.66 -38.42
CA ASP B 262 -28.57 -21.67 -37.57
C ASP B 262 -29.40 -21.75 -36.28
N ARG B 263 -30.16 -22.83 -36.13
CA ARG B 263 -31.02 -22.99 -34.97
C ARG B 263 -30.26 -23.37 -33.70
N ALA B 264 -29.31 -24.29 -33.82
CA ALA B 264 -28.54 -24.71 -32.66
C ALA B 264 -27.86 -23.51 -32.01
N VAL B 265 -27.08 -22.78 -32.81
CA VAL B 265 -26.37 -21.61 -32.33
C VAL B 265 -27.36 -20.58 -31.81
N GLU B 266 -28.53 -20.51 -32.43
CA GLU B 266 -29.53 -19.55 -31.99
C GLU B 266 -29.95 -19.89 -30.57
N ALA B 267 -30.18 -21.17 -30.33
CA ALA B 267 -30.59 -21.65 -29.03
C ALA B 267 -29.49 -21.41 -28.00
N GLN B 268 -28.26 -21.69 -28.38
CA GLN B 268 -27.11 -21.50 -27.50
C GLN B 268 -27.06 -20.04 -27.04
N SER B 269 -27.27 -19.12 -27.98
CA SER B 269 -27.27 -17.70 -27.67
C SER B 269 -28.32 -17.44 -26.61
N CYS B 270 -29.52 -17.92 -26.85
CA CYS B 270 -30.64 -17.75 -25.93
C CYS B 270 -30.33 -18.26 -24.53
N TYR B 271 -29.62 -19.38 -24.45
CA TYR B 271 -29.27 -19.94 -23.16
C TYR B 271 -28.25 -19.03 -22.49
N SER B 272 -27.32 -18.49 -23.27
CA SER B 272 -26.32 -17.59 -22.71
C SER B 272 -27.01 -16.30 -22.23
N LEU B 273 -27.99 -15.84 -23.00
CA LEU B 273 -28.71 -14.64 -22.64
C LEU B 273 -29.56 -14.85 -21.39
N GLY B 274 -30.04 -16.07 -21.21
CA GLY B 274 -30.86 -16.37 -20.05
C GLY B 274 -30.02 -16.34 -18.78
N ASN B 275 -28.84 -16.92 -18.86
CA ASN B 275 -27.92 -16.95 -17.74
C ASN B 275 -27.41 -15.57 -17.42
N THR B 276 -27.10 -14.80 -18.47
CA THR B 276 -26.60 -13.45 -18.29
C THR B 276 -27.63 -12.56 -17.60
N TYR B 277 -28.90 -12.72 -17.95
CA TYR B 277 -29.92 -11.92 -17.31
C TYR B 277 -30.18 -12.35 -15.88
N THR B 278 -29.89 -13.60 -15.57
CA THR B 278 -30.05 -14.08 -14.21
C THR B 278 -28.96 -13.35 -13.40
N LEU B 279 -27.74 -13.33 -13.96
CA LEU B 279 -26.62 -12.65 -13.31
C LEU B 279 -26.98 -11.17 -13.16
N LEU B 280 -27.73 -10.63 -14.11
CA LEU B 280 -28.14 -9.23 -14.04
C LEU B 280 -29.39 -9.07 -13.17
N GLN B 281 -29.87 -10.19 -12.63
CA GLN B 281 -31.04 -10.18 -11.76
C GLN B 281 -32.35 -9.71 -12.40
N ASP B 282 -32.47 -9.86 -13.71
CA ASP B 282 -33.69 -9.50 -14.44
C ASP B 282 -34.27 -10.84 -14.82
N TYR B 283 -34.98 -11.44 -13.88
CA TYR B 283 -35.56 -12.76 -14.07
C TYR B 283 -36.61 -12.85 -15.14
N GLU B 284 -37.32 -11.75 -15.38
CA GLU B 284 -38.36 -11.76 -16.40
C GLU B 284 -37.75 -11.98 -17.78
N LYS B 285 -36.58 -11.38 -18.04
CA LYS B 285 -35.92 -11.57 -19.33
C LYS B 285 -35.24 -12.93 -19.34
N ALA B 286 -34.85 -13.41 -18.16
CA ALA B 286 -34.21 -14.72 -18.08
C ALA B 286 -35.20 -15.79 -18.55
N ILE B 287 -36.43 -15.70 -18.06
CA ILE B 287 -37.49 -16.64 -18.45
C ILE B 287 -37.63 -16.65 -19.98
N ASP B 288 -37.82 -15.46 -20.55
CA ASP B 288 -38.00 -15.33 -21.99
C ASP B 288 -36.96 -16.06 -22.82
N TYR B 289 -35.69 -15.76 -22.58
CA TYR B 289 -34.63 -16.40 -23.35
C TYR B 289 -34.48 -17.87 -23.04
N HIS B 290 -34.86 -18.28 -21.83
CA HIS B 290 -34.77 -19.70 -21.50
C HIS B 290 -35.91 -20.44 -22.18
N LEU B 291 -37.06 -19.80 -22.29
CA LEU B 291 -38.18 -20.44 -22.96
C LEU B 291 -37.81 -20.64 -24.44
N LYS B 292 -37.30 -19.59 -25.07
CA LYS B 292 -36.89 -19.67 -26.48
C LYS B 292 -35.90 -20.81 -26.67
N HIS B 293 -34.96 -20.95 -25.74
CA HIS B 293 -33.98 -22.02 -25.85
C HIS B 293 -34.64 -23.39 -25.71
N LEU B 294 -35.65 -23.48 -24.86
CA LEU B 294 -36.37 -24.74 -24.63
C LEU B 294 -37.10 -25.13 -25.92
N ALA B 295 -37.88 -24.19 -26.44
CA ALA B 295 -38.63 -24.41 -27.67
C ALA B 295 -37.74 -24.97 -28.77
N ILE B 296 -36.64 -24.26 -29.05
CA ILE B 296 -35.72 -24.70 -30.07
C ILE B 296 -35.11 -26.04 -29.75
N ALA B 297 -34.71 -26.22 -28.49
CA ALA B 297 -34.08 -27.47 -28.08
C ALA B 297 -35.02 -28.65 -28.34
N GLN B 298 -36.31 -28.44 -28.11
CA GLN B 298 -37.30 -29.48 -28.33
C GLN B 298 -37.43 -29.69 -29.83
N GLU B 299 -37.40 -28.58 -30.58
CA GLU B 299 -37.50 -28.62 -32.03
C GLU B 299 -36.38 -29.48 -32.66
N LEU B 300 -35.23 -29.51 -32.00
CA LEU B 300 -34.07 -30.26 -32.49
C LEU B 300 -33.88 -31.55 -31.70
N ASN B 301 -34.85 -31.90 -30.89
CA ASN B 301 -34.74 -33.09 -30.07
C ASN B 301 -33.42 -33.16 -29.30
N ASP B 302 -32.98 -32.02 -28.80
CA ASP B 302 -31.75 -31.96 -28.02
C ASP B 302 -32.21 -32.23 -26.59
N ARG B 303 -32.28 -33.51 -26.25
CA ARG B 303 -32.75 -33.92 -24.94
C ARG B 303 -31.91 -33.34 -23.80
N ILE B 304 -30.61 -33.56 -23.86
CA ILE B 304 -29.71 -33.03 -22.83
C ILE B 304 -29.99 -31.55 -22.62
N GLY B 305 -29.96 -30.79 -23.71
CA GLY B 305 -30.19 -29.37 -23.64
C GLY B 305 -31.57 -29.00 -23.13
N GLU B 306 -32.49 -29.94 -23.22
CA GLU B 306 -33.84 -29.66 -22.76
C GLU B 306 -33.91 -29.73 -21.24
N GLY B 307 -33.07 -30.58 -20.66
CA GLY B 307 -33.04 -30.70 -19.21
C GLY B 307 -32.42 -29.43 -18.66
N ARG B 308 -31.37 -28.97 -19.33
CA ARG B 308 -30.65 -27.76 -18.97
C ARG B 308 -31.61 -26.59 -18.96
N ALA B 309 -32.56 -26.60 -19.91
CA ALA B 309 -33.55 -25.54 -20.01
C ALA B 309 -34.48 -25.58 -18.81
N CYS B 310 -34.93 -26.78 -18.47
CA CYS B 310 -35.85 -27.00 -17.35
C CYS B 310 -35.19 -26.68 -16.03
N TRP B 311 -33.91 -27.04 -15.93
CA TRP B 311 -33.11 -26.77 -14.74
C TRP B 311 -33.11 -25.25 -14.52
N SER B 312 -32.65 -24.51 -15.52
CA SER B 312 -32.59 -23.05 -15.46
C SER B 312 -33.95 -22.43 -15.20
N LEU B 313 -34.96 -22.88 -15.92
CA LEU B 313 -36.31 -22.36 -15.77
C LEU B 313 -36.82 -22.56 -14.35
N GLY B 314 -36.51 -23.72 -13.78
CA GLY B 314 -36.94 -23.99 -12.42
C GLY B 314 -36.39 -22.94 -11.48
N ASN B 315 -35.11 -22.61 -11.64
CA ASN B 315 -34.46 -21.61 -10.80
C ASN B 315 -34.99 -20.21 -11.12
N ALA B 316 -35.24 -19.95 -12.40
CA ALA B 316 -35.74 -18.65 -12.82
C ALA B 316 -37.12 -18.34 -12.25
N TYR B 317 -38.05 -19.29 -12.36
CA TYR B 317 -39.38 -19.05 -11.82
C TYR B 317 -39.35 -18.93 -10.30
N THR B 318 -38.45 -19.67 -9.67
CA THR B 318 -38.33 -19.59 -8.22
C THR B 318 -37.91 -18.17 -7.87
N ALA B 319 -36.99 -17.62 -8.66
CA ALA B 319 -36.48 -16.27 -8.42
C ALA B 319 -37.62 -15.24 -8.45
N LEU B 320 -38.64 -15.49 -9.27
CA LEU B 320 -39.78 -14.58 -9.38
C LEU B 320 -40.87 -14.86 -8.34
N GLY B 321 -40.73 -15.94 -7.58
CA GLY B 321 -41.72 -16.29 -6.58
C GLY B 321 -42.92 -17.00 -7.18
N ASN B 322 -42.71 -17.61 -8.35
CA ASN B 322 -43.76 -18.33 -9.06
C ASN B 322 -43.47 -19.83 -8.89
N HIS B 323 -43.73 -20.34 -7.69
CA HIS B 323 -43.45 -21.74 -7.37
C HIS B 323 -44.19 -22.80 -8.17
N ASP B 324 -45.43 -22.53 -8.55
CA ASP B 324 -46.18 -23.51 -9.34
C ASP B 324 -45.45 -23.84 -10.65
N GLN B 325 -44.99 -22.82 -11.36
CA GLN B 325 -44.30 -23.04 -12.62
C GLN B 325 -42.92 -23.64 -12.37
N ALA B 326 -42.26 -23.19 -11.30
CA ALA B 326 -40.94 -23.69 -10.96
C ALA B 326 -40.97 -25.20 -10.72
N MET B 327 -42.05 -25.70 -10.11
CA MET B 327 -42.14 -27.13 -9.84
C MET B 327 -42.35 -27.87 -11.15
N HIS B 328 -43.18 -27.30 -11.99
CA HIS B 328 -43.43 -27.93 -13.28
C HIS B 328 -42.10 -28.26 -13.96
N PHE B 329 -41.26 -27.25 -14.13
CA PHE B 329 -39.96 -27.47 -14.79
C PHE B 329 -39.00 -28.30 -13.98
N ALA B 330 -39.09 -28.21 -12.66
CA ALA B 330 -38.21 -28.99 -11.79
C ALA B 330 -38.52 -30.47 -12.01
N GLU B 331 -39.79 -30.78 -12.25
CA GLU B 331 -40.21 -32.16 -12.48
C GLU B 331 -39.63 -32.63 -13.81
N LYS B 332 -39.79 -31.79 -14.83
CA LYS B 332 -39.29 -32.09 -16.16
C LYS B 332 -37.78 -32.37 -16.12
N HIS B 333 -37.06 -31.55 -15.38
CA HIS B 333 -35.61 -31.70 -15.26
C HIS B 333 -35.26 -33.09 -14.72
N LEU B 334 -35.97 -33.53 -13.67
CA LEU B 334 -35.71 -34.86 -13.10
C LEU B 334 -36.06 -35.93 -14.13
N GLU B 335 -37.24 -35.79 -14.72
CA GLU B 335 -37.74 -36.71 -15.73
C GLU B 335 -36.65 -36.93 -16.78
N ILE B 336 -36.21 -35.83 -17.37
CA ILE B 336 -35.19 -35.84 -18.40
C ILE B 336 -33.85 -36.34 -17.89
N SER B 337 -33.54 -36.07 -16.63
CA SER B 337 -32.27 -36.50 -16.05
C SER B 337 -32.11 -38.02 -15.98
N ARG B 338 -33.17 -38.72 -15.60
CA ARG B 338 -33.11 -40.17 -15.50
C ARG B 338 -32.98 -40.74 -16.91
N GLU B 339 -33.84 -40.24 -17.80
CA GLU B 339 -33.87 -40.67 -19.18
C GLU B 339 -32.47 -40.76 -19.79
N VAL B 340 -31.79 -39.63 -19.87
CA VAL B 340 -30.45 -39.56 -20.44
C VAL B 340 -29.37 -40.19 -19.56
N GLY B 341 -29.75 -40.61 -18.35
CA GLY B 341 -28.78 -41.23 -17.46
C GLY B 341 -27.77 -40.33 -16.75
N ASP B 342 -28.12 -39.06 -16.57
CA ASP B 342 -27.22 -38.12 -15.88
C ASP B 342 -27.27 -38.45 -14.38
N LYS B 343 -26.25 -39.12 -13.88
CA LYS B 343 -26.17 -39.50 -12.47
C LYS B 343 -26.28 -38.30 -11.53
N SER B 344 -25.27 -37.45 -11.56
CA SER B 344 -25.24 -36.27 -10.70
C SER B 344 -26.41 -35.34 -11.02
N GLY B 345 -26.78 -35.31 -12.30
CA GLY B 345 -27.88 -34.47 -12.73
C GLY B 345 -29.21 -34.90 -12.12
N GLU B 346 -29.37 -36.20 -11.89
CA GLU B 346 -30.59 -36.70 -11.30
C GLU B 346 -30.67 -36.25 -9.85
N LEU B 347 -29.53 -36.29 -9.16
CA LEU B 347 -29.50 -35.90 -7.76
C LEU B 347 -29.78 -34.41 -7.56
N THR B 348 -29.16 -33.55 -8.36
CA THR B 348 -29.42 -32.13 -8.18
C THR B 348 -30.89 -31.86 -8.53
N ALA B 349 -31.40 -32.53 -9.55
CA ALA B 349 -32.80 -32.35 -9.95
C ALA B 349 -33.72 -32.83 -8.83
N ARG B 350 -33.32 -33.89 -8.13
CA ARG B 350 -34.14 -34.41 -7.03
C ARG B 350 -34.17 -33.44 -5.87
N LEU B 351 -33.00 -32.95 -5.48
CA LEU B 351 -32.90 -31.99 -4.38
C LEU B 351 -33.75 -30.75 -4.66
N ASN B 352 -33.74 -30.27 -5.90
CA ASN B 352 -34.53 -29.09 -6.26
C ASN B 352 -36.02 -29.38 -6.22
N LEU B 353 -36.42 -30.54 -6.73
CA LEU B 353 -37.84 -30.88 -6.72
C LEU B 353 -38.37 -31.06 -5.30
N SER B 354 -37.69 -31.91 -4.52
CA SER B 354 -38.13 -32.14 -3.14
C SER B 354 -38.18 -30.85 -2.33
N ASP B 355 -37.18 -29.99 -2.52
CA ASP B 355 -37.15 -28.72 -1.81
C ASP B 355 -38.41 -27.92 -2.17
N LEU B 356 -38.73 -27.86 -3.47
CA LEU B 356 -39.92 -27.14 -3.88
C LEU B 356 -41.18 -27.80 -3.30
N GLN B 357 -41.21 -29.13 -3.28
CA GLN B 357 -42.36 -29.85 -2.74
C GLN B 357 -42.53 -29.54 -1.26
N MET B 358 -41.41 -29.36 -0.56
CA MET B 358 -41.44 -29.01 0.86
C MET B 358 -42.00 -27.60 1.00
N VAL B 359 -41.55 -26.68 0.16
CA VAL B 359 -42.05 -25.32 0.22
C VAL B 359 -43.56 -25.34 0.10
N LEU B 360 -44.06 -26.14 -0.85
CA LEU B 360 -45.49 -26.24 -1.05
C LEU B 360 -46.15 -26.90 0.16
N GLY B 361 -45.74 -28.14 0.42
CA GLY B 361 -46.28 -28.91 1.52
C GLY B 361 -46.34 -28.19 2.85
N LEU B 362 -45.21 -27.64 3.28
CA LEU B 362 -45.13 -26.92 4.56
C LEU B 362 -45.90 -25.60 4.61
N SER B 363 -46.44 -25.16 3.49
CA SER B 363 -47.20 -23.91 3.47
C SER B 363 -48.64 -24.10 3.88
N TYR B 364 -48.96 -25.30 4.37
CA TYR B 364 -50.30 -25.64 4.83
C TYR B 364 -50.24 -26.05 6.29
N SER B 365 -51.29 -25.71 7.04
CA SER B 365 -51.37 -26.03 8.46
C SER B 365 -51.74 -27.47 8.72
N THR B 366 -51.26 -27.98 9.85
CA THR B 366 -51.53 -29.34 10.28
C THR B 366 -53.05 -29.56 10.40
N ALA C 7 40.25 18.50 3.07
CA ALA C 7 39.53 18.02 4.29
C ALA C 7 40.46 18.00 5.50
N SER C 8 40.95 19.18 5.88
CA SER C 8 41.85 19.29 7.02
C SER C 8 41.07 19.28 8.33
N CYS C 9 41.81 19.23 9.44
CA CYS C 9 41.20 19.22 10.75
C CYS C 9 40.33 20.47 10.93
N LEU C 10 40.93 21.64 10.77
CA LEU C 10 40.23 22.92 10.93
C LEU C 10 38.98 23.00 10.08
N GLU C 11 39.08 22.50 8.85
CA GLU C 11 37.95 22.51 7.92
C GLU C 11 36.79 21.70 8.50
N LEU C 12 37.08 20.46 8.89
CA LEU C 12 36.07 19.59 9.45
C LEU C 12 35.47 20.20 10.71
N ALA C 13 36.32 20.64 11.61
CA ALA C 13 35.86 21.25 12.86
C ALA C 13 34.98 22.47 12.59
N LEU C 14 35.38 23.31 11.64
CA LEU C 14 34.58 24.48 11.31
C LEU C 14 33.19 24.05 10.85
N GLU C 15 33.14 22.93 10.12
CA GLU C 15 31.86 22.43 9.62
C GLU C 15 30.99 21.90 10.74
N GLY C 16 31.55 20.99 11.55
CA GLY C 16 30.81 20.44 12.66
C GLY C 16 30.17 21.50 13.53
N GLU C 17 30.90 22.59 13.73
CA GLU C 17 30.42 23.69 14.54
C GLU C 17 29.18 24.32 13.90
N ARG C 18 29.27 24.65 12.62
CA ARG C 18 28.15 25.26 11.92
C ARG C 18 26.91 24.36 11.96
N LEU C 19 27.13 23.05 11.92
CA LEU C 19 26.03 22.09 11.95
C LEU C 19 25.32 22.15 13.30
N CYS C 20 26.08 22.15 14.38
CA CYS C 20 25.50 22.20 15.72
C CYS C 20 24.75 23.52 15.90
N LYS C 21 25.36 24.61 15.46
CA LYS C 21 24.72 25.92 15.57
C LYS C 21 23.39 25.94 14.83
N SER C 22 23.32 25.20 13.73
CA SER C 22 22.09 25.14 12.93
C SER C 22 21.03 24.35 13.67
N GLY C 23 21.46 23.32 14.39
CA GLY C 23 20.50 22.50 15.13
C GLY C 23 20.75 21.01 14.99
N ASP C 24 21.58 20.62 14.04
CA ASP C 24 21.88 19.21 13.86
C ASP C 24 23.18 18.84 14.56
N CYS C 25 23.08 18.33 15.78
CA CYS C 25 24.25 17.93 16.55
C CYS C 25 24.74 16.55 16.14
N ARG C 26 23.84 15.76 15.56
CA ARG C 26 24.19 14.42 15.12
C ARG C 26 25.16 14.46 13.95
N ALA C 27 24.93 15.40 13.03
CA ALA C 27 25.79 15.55 11.86
C ALA C 27 27.06 16.29 12.28
N GLY C 28 26.91 17.21 13.23
CA GLY C 28 28.05 17.96 13.72
C GLY C 28 29.04 17.05 14.42
N VAL C 29 28.53 16.04 15.12
CA VAL C 29 29.39 15.08 15.81
C VAL C 29 30.30 14.34 14.82
N SER C 30 29.74 13.91 13.70
CA SER C 30 30.53 13.21 12.69
C SER C 30 31.71 14.08 12.25
N PHE C 31 31.40 15.30 11.83
CA PHE C 31 32.45 16.22 11.39
C PHE C 31 33.49 16.51 12.47
N PHE C 32 33.11 16.34 13.73
CA PHE C 32 34.03 16.57 14.83
C PHE C 32 34.93 15.36 15.06
N GLU C 33 34.32 14.19 15.21
CA GLU C 33 35.08 12.96 15.42
C GLU C 33 36.04 12.79 14.25
N ALA C 34 35.63 13.26 13.09
CA ALA C 34 36.44 13.17 11.89
C ALA C 34 37.69 14.03 12.09
N ALA C 35 37.48 15.32 12.34
CA ALA C 35 38.59 16.25 12.57
C ALA C 35 39.56 15.72 13.62
N VAL C 36 39.05 15.02 14.62
CA VAL C 36 39.89 14.44 15.68
C VAL C 36 40.78 13.36 15.08
N GLN C 37 40.20 12.53 14.23
CA GLN C 37 40.97 11.47 13.58
C GLN C 37 42.09 12.06 12.77
N VAL C 38 41.78 13.08 11.97
CA VAL C 38 42.78 13.76 11.18
C VAL C 38 43.88 14.22 12.14
N GLY C 39 43.45 14.69 13.30
CA GLY C 39 44.37 15.16 14.30
C GLY C 39 44.88 16.57 14.00
N THR C 40 45.51 17.18 14.99
CA THR C 40 46.05 18.52 14.83
C THR C 40 47.10 18.72 15.90
N GLU C 41 47.93 19.73 15.71
CA GLU C 41 48.98 20.05 16.68
C GLU C 41 48.59 21.31 17.44
N ASP C 42 47.49 21.93 17.04
CA ASP C 42 46.99 23.12 17.71
C ASP C 42 46.10 22.60 18.84
N LEU C 43 46.70 22.38 20.01
CA LEU C 43 45.97 21.87 21.14
C LEU C 43 44.83 22.77 21.57
N LYS C 44 44.98 24.06 21.32
CA LYS C 44 43.96 25.05 21.67
C LYS C 44 42.71 24.70 20.86
N THR C 45 42.91 24.41 19.57
CA THR C 45 41.79 24.05 18.70
C THR C 45 41.27 22.67 19.07
N LEU C 46 42.16 21.74 19.37
CA LEU C 46 41.72 20.39 19.72
C LEU C 46 40.81 20.44 20.95
N SER C 47 41.18 21.30 21.90
CA SER C 47 40.39 21.47 23.10
C SER C 47 38.98 21.91 22.76
N ALA C 48 38.86 22.89 21.86
CA ALA C 48 37.57 23.38 21.43
C ALA C 48 36.77 22.22 20.82
N ILE C 49 37.44 21.37 20.05
CA ILE C 49 36.79 20.22 19.43
C ILE C 49 36.14 19.35 20.50
N TYR C 50 36.91 18.97 21.52
CA TYR C 50 36.38 18.13 22.59
C TYR C 50 35.21 18.78 23.31
N SER C 51 35.35 20.07 23.60
CA SER C 51 34.32 20.82 24.28
C SER C 51 33.02 20.79 23.50
N GLN C 52 33.11 21.01 22.20
CA GLN C 52 31.93 21.01 21.35
C GLN C 52 31.32 19.64 21.16
N LEU C 53 32.16 18.61 21.26
CA LEU C 53 31.71 17.23 21.15
C LEU C 53 30.95 16.90 22.42
N GLY C 54 31.51 17.32 23.56
CA GLY C 54 30.86 17.07 24.84
C GLY C 54 29.52 17.76 24.92
N ASN C 55 29.48 19.03 24.54
CA ASN C 55 28.24 19.80 24.57
C ASN C 55 27.23 19.14 23.65
N ALA C 56 27.68 18.82 22.43
CA ALA C 56 26.80 18.18 21.44
C ALA C 56 26.22 16.88 21.96
N TYR C 57 27.07 15.99 22.47
CA TYR C 57 26.58 14.72 23.00
C TYR C 57 25.65 14.97 24.18
N PHE C 58 25.97 15.99 24.98
CA PHE C 58 25.13 16.33 26.13
C PHE C 58 23.74 16.64 25.58
N TYR C 59 23.70 17.47 24.56
CA TYR C 59 22.46 17.88 23.90
C TYR C 59 21.67 16.68 23.37
N LEU C 60 22.39 15.70 22.85
CA LEU C 60 21.78 14.49 22.31
C LEU C 60 21.51 13.48 23.42
N HIS C 61 21.56 13.93 24.66
CA HIS C 61 21.29 13.08 25.82
C HIS C 61 22.20 11.86 25.99
N ASP C 62 23.40 11.93 25.43
CA ASP C 62 24.38 10.85 25.57
C ASP C 62 25.36 11.32 26.64
N TYR C 63 24.86 11.39 27.88
CA TYR C 63 25.65 11.88 29.00
C TYR C 63 26.96 11.17 29.30
N ALA C 64 27.08 9.91 28.92
CA ALA C 64 28.31 9.18 29.16
C ALA C 64 29.40 9.75 28.25
N LYS C 65 29.07 9.95 26.97
CA LYS C 65 30.05 10.52 26.07
C LYS C 65 30.32 11.96 26.42
N ALA C 66 29.30 12.62 26.95
CA ALA C 66 29.43 14.02 27.34
C ALA C 66 30.48 14.09 28.45
N LEU C 67 30.39 13.15 29.39
CA LEU C 67 31.34 13.09 30.49
C LEU C 67 32.74 12.90 29.94
N GLU C 68 32.87 11.96 29.01
CA GLU C 68 34.15 11.65 28.39
C GLU C 68 34.85 12.85 27.74
N TYR C 69 34.20 13.51 26.79
CA TYR C 69 34.84 14.64 26.13
C TYR C 69 35.05 15.87 26.99
N HIS C 70 34.13 16.14 27.91
CA HIS C 70 34.33 17.29 28.78
C HIS C 70 35.50 17.02 29.70
N HIS C 71 35.71 15.75 30.00
CA HIS C 71 36.84 15.34 30.84
C HIS C 71 38.13 15.62 30.07
N HIS C 72 38.16 15.21 28.80
CA HIS C 72 39.32 15.42 27.95
C HIS C 72 39.62 16.89 27.75
N ASP C 73 38.57 17.68 27.57
CA ASP C 73 38.72 19.12 27.38
C ASP C 73 39.33 19.76 28.62
N LEU C 74 38.85 19.35 29.79
CA LEU C 74 39.36 19.92 31.04
C LEU C 74 40.80 19.52 31.26
N THR C 75 41.11 18.25 30.97
CA THR C 75 42.46 17.75 31.11
C THR C 75 43.41 18.50 30.17
N LEU C 76 43.01 18.66 28.92
CA LEU C 76 43.83 19.35 27.94
C LEU C 76 44.00 20.83 28.29
N ALA C 77 42.90 21.49 28.67
CA ALA C 77 42.97 22.90 29.02
C ALA C 77 43.98 23.12 30.14
N ARG C 78 43.99 22.21 31.10
CA ARG C 78 44.92 22.31 32.21
C ARG C 78 46.34 22.04 31.70
N THR C 79 46.48 21.05 30.83
CA THR C 79 47.79 20.71 30.28
C THR C 79 48.42 21.91 29.56
N ILE C 80 47.67 22.57 28.69
CA ILE C 80 48.23 23.70 27.96
C ILE C 80 48.17 25.06 28.66
N GLY C 81 47.74 25.08 29.92
CA GLY C 81 47.68 26.35 30.66
C GLY C 81 46.62 27.37 30.25
N ASP C 82 45.62 26.95 29.50
CA ASP C 82 44.54 27.84 29.08
C ASP C 82 43.57 28.05 30.25
N GLN C 83 43.81 29.10 31.04
CA GLN C 83 42.98 29.40 32.21
C GLN C 83 41.51 29.57 31.88
N LEU C 84 41.21 30.40 30.88
CA LEU C 84 39.84 30.64 30.47
C LEU C 84 39.23 29.33 29.98
N GLY C 85 40.02 28.54 29.26
CA GLY C 85 39.54 27.27 28.73
C GLY C 85 39.26 26.25 29.81
N GLU C 86 40.08 26.27 30.86
CA GLU C 86 39.94 25.36 31.98
C GLU C 86 38.63 25.67 32.68
N ALA C 87 38.40 26.96 32.92
CA ALA C 87 37.20 27.44 33.58
C ALA C 87 35.94 26.96 32.86
N LYS C 88 35.87 27.20 31.55
CA LYS C 88 34.70 26.78 30.79
C LYS C 88 34.52 25.27 30.85
N ALA C 89 35.63 24.55 30.77
CA ALA C 89 35.57 23.09 30.78
C ALA C 89 35.03 22.59 32.10
N SER C 90 35.47 23.21 33.18
CA SER C 90 35.02 22.83 34.52
C SER C 90 33.50 22.95 34.60
N GLY C 91 32.99 24.09 34.17
CA GLY C 91 31.55 24.30 34.19
C GLY C 91 30.80 23.20 33.46
N ASN C 92 31.24 22.90 32.24
CA ASN C 92 30.62 21.87 31.42
C ASN C 92 30.70 20.47 32.03
N LEU C 93 31.87 20.12 32.55
CA LEU C 93 32.03 18.80 33.15
C LEU C 93 31.16 18.75 34.39
N GLY C 94 31.10 19.88 35.10
CA GLY C 94 30.29 19.96 36.31
C GLY C 94 28.83 19.73 35.98
N ASN C 95 28.32 20.40 34.95
CA ASN C 95 26.94 20.23 34.58
C ASN C 95 26.69 18.77 34.24
N THR C 96 27.58 18.17 33.48
CA THR C 96 27.43 16.77 33.11
C THR C 96 27.40 15.87 34.35
N LEU C 97 28.34 16.08 35.27
CA LEU C 97 28.41 15.28 36.50
C LEU C 97 27.15 15.42 37.36
N LYS C 98 26.52 16.59 37.32
CA LYS C 98 25.31 16.83 38.12
C LYS C 98 24.18 15.98 37.57
N VAL C 99 24.09 15.95 36.23
CA VAL C 99 23.04 15.18 35.59
C VAL C 99 23.24 13.71 35.90
N LEU C 100 24.48 13.32 36.16
CA LEU C 100 24.80 11.92 36.46
C LEU C 100 24.66 11.57 37.94
N GLY C 101 24.29 12.55 38.76
CA GLY C 101 24.14 12.29 40.18
C GLY C 101 25.39 12.38 41.04
N ASN C 102 26.53 12.71 40.44
CA ASN C 102 27.77 12.84 41.21
C ASN C 102 27.92 14.30 41.62
N PHE C 103 27.09 14.71 42.59
CA PHE C 103 27.09 16.08 43.06
C PHE C 103 28.39 16.58 43.65
N ASP C 104 29.02 15.77 44.49
CA ASP C 104 30.28 16.20 45.10
C ASP C 104 31.32 16.63 44.09
N GLU C 105 31.55 15.82 43.05
CA GLU C 105 32.53 16.18 42.02
C GLU C 105 32.02 17.35 41.19
N ALA C 106 30.71 17.40 40.99
CA ALA C 106 30.11 18.48 40.23
C ALA C 106 30.31 19.81 40.95
N ILE C 107 30.23 19.80 42.28
CA ILE C 107 30.44 21.01 43.07
C ILE C 107 31.88 21.46 42.85
N VAL C 108 32.80 20.50 42.93
CA VAL C 108 34.22 20.78 42.74
C VAL C 108 34.46 21.50 41.42
N CYS C 109 33.96 20.95 40.32
CA CYS C 109 34.16 21.56 39.02
C CYS C 109 33.58 22.98 38.89
N CYS C 110 32.30 23.12 39.19
CA CYS C 110 31.66 24.43 39.10
C CYS C 110 32.31 25.44 40.03
N GLN C 111 32.83 24.97 41.15
CA GLN C 111 33.50 25.86 42.09
C GLN C 111 34.80 26.28 41.42
N ARG C 112 35.44 25.33 40.75
CA ARG C 112 36.69 25.59 40.04
C ARG C 112 36.44 26.70 39.01
N HIS C 113 35.33 26.59 38.29
CA HIS C 113 34.95 27.58 37.29
C HIS C 113 34.81 28.96 37.96
N LEU C 114 34.12 29.01 39.09
CA LEU C 114 33.93 30.27 39.80
C LEU C 114 35.26 30.90 40.22
N ASP C 115 36.13 30.08 40.80
CA ASP C 115 37.42 30.60 41.26
C ASP C 115 38.26 31.22 40.15
N ILE C 116 38.41 30.52 39.03
CA ILE C 116 39.21 31.06 37.94
C ILE C 116 38.58 32.34 37.39
N SER C 117 37.26 32.34 37.26
CA SER C 117 36.56 33.52 36.77
C SER C 117 36.89 34.74 37.63
N ARG C 118 36.84 34.56 38.95
CA ARG C 118 37.12 35.65 39.87
C ARG C 118 38.59 36.07 39.78
N GLU C 119 39.46 35.12 39.49
CA GLU C 119 40.88 35.43 39.37
C GLU C 119 41.14 36.25 38.11
N LEU C 120 40.41 35.96 37.03
CA LEU C 120 40.56 36.67 35.76
C LEU C 120 39.69 37.92 35.69
N ASN C 121 38.95 38.21 36.75
CA ASN C 121 38.05 39.37 36.74
C ASN C 121 37.03 39.25 35.62
N ASP C 122 36.67 38.01 35.28
CA ASP C 122 35.69 37.72 34.24
C ASP C 122 34.30 37.70 34.86
N LYS C 123 33.70 38.88 35.01
CA LYS C 123 32.38 39.01 35.60
C LYS C 123 31.27 38.14 35.00
N VAL C 124 31.26 37.96 33.68
CA VAL C 124 30.23 37.14 33.06
C VAL C 124 30.49 35.68 33.36
N GLY C 125 31.77 35.33 33.46
CA GLY C 125 32.12 33.96 33.76
C GLY C 125 31.74 33.65 35.19
N GLU C 126 32.01 34.61 36.06
CA GLU C 126 31.70 34.48 37.48
C GLU C 126 30.20 34.28 37.65
N ALA C 127 29.40 35.14 37.01
CA ALA C 127 27.96 35.06 37.11
C ALA C 127 27.48 33.68 36.65
N ARG C 128 27.99 33.22 35.53
CA ARG C 128 27.59 31.93 35.01
C ARG C 128 27.95 30.78 35.95
N ALA C 129 29.10 30.89 36.61
CA ALA C 129 29.52 29.84 37.52
C ALA C 129 28.60 29.80 38.73
N LEU C 130 28.18 30.99 39.16
CA LEU C 130 27.30 31.13 40.31
C LEU C 130 25.95 30.48 40.03
N TYR C 131 25.48 30.67 38.80
CA TYR C 131 24.21 30.09 38.40
C TYR C 131 24.35 28.57 38.32
N ASN C 132 25.51 28.09 37.88
CA ASN C 132 25.74 26.64 37.79
C ASN C 132 25.75 26.00 39.18
N LEU C 133 26.38 26.68 40.13
CA LEU C 133 26.47 26.18 41.49
C LEU C 133 25.08 26.14 42.10
N GLY C 134 24.28 27.15 41.76
CA GLY C 134 22.91 27.19 42.27
C GLY C 134 22.18 25.96 41.79
N ASN C 135 22.29 25.67 40.50
CA ASN C 135 21.62 24.49 39.93
C ASN C 135 22.13 23.17 40.50
N VAL C 136 23.44 23.08 40.74
CA VAL C 136 24.01 21.84 41.26
C VAL C 136 23.50 21.56 42.68
N TYR C 137 23.54 22.57 43.53
CA TYR C 137 23.06 22.40 44.90
C TYR C 137 21.57 22.15 44.94
N HIS C 138 20.84 22.72 43.99
CA HIS C 138 19.39 22.54 43.90
C HIS C 138 19.15 21.06 43.62
N ALA C 139 19.80 20.55 42.58
CA ALA C 139 19.65 19.14 42.22
C ALA C 139 20.06 18.25 43.39
N LYS C 140 21.14 18.64 44.07
CA LYS C 140 21.60 17.86 45.21
C LYS C 140 20.51 17.86 46.29
N GLY C 141 19.91 19.03 46.51
CA GLY C 141 18.85 19.13 47.50
C GLY C 141 17.73 18.14 47.19
N LYS C 142 17.40 17.98 45.92
CA LYS C 142 16.35 17.05 45.52
C LYS C 142 16.79 15.59 45.66
N SER C 143 17.99 15.27 45.17
CA SER C 143 18.51 13.91 45.21
C SER C 143 18.14 13.12 46.46
N PHE C 144 18.17 13.76 47.62
CA PHE C 144 17.83 13.06 48.86
C PHE C 144 16.33 12.77 48.91
N VAL C 152 11.72 10.34 61.15
CA VAL C 152 10.38 10.05 60.67
C VAL C 152 9.55 11.32 60.49
N GLY C 153 9.30 11.67 59.23
CA GLY C 153 8.53 12.85 58.91
C GLY C 153 9.34 14.14 59.00
N GLU C 154 10.64 14.03 59.17
CA GLU C 154 11.50 15.19 59.26
C GLU C 154 12.09 15.65 57.94
N PHE C 155 12.76 16.80 58.00
CA PHE C 155 13.40 17.41 56.86
C PHE C 155 14.90 17.28 57.13
N PRO C 156 15.59 16.46 56.34
CA PRO C 156 17.03 16.25 56.53
C PRO C 156 17.84 17.55 56.46
N GLU C 157 18.71 17.76 57.45
CA GLU C 157 19.54 18.95 57.46
C GLU C 157 20.41 18.97 56.20
N GLU C 158 20.70 17.79 55.67
CA GLU C 158 21.49 17.69 54.45
C GLU C 158 20.73 18.34 53.33
N VAL C 159 19.43 18.06 53.26
CA VAL C 159 18.58 18.62 52.23
C VAL C 159 18.46 20.12 52.39
N ARG C 160 18.32 20.56 53.64
CA ARG C 160 18.18 21.98 53.92
C ARG C 160 19.45 22.74 53.58
N ASP C 161 20.60 22.20 53.99
CA ASP C 161 21.88 22.86 53.71
C ASP C 161 22.09 23.02 52.22
N ALA C 162 21.83 21.95 51.47
CA ALA C 162 22.01 22.00 50.03
C ALA C 162 21.14 23.12 49.43
N LEU C 163 19.85 23.11 49.74
CA LEU C 163 18.93 24.12 49.22
C LEU C 163 19.29 25.56 49.65
N GLN C 164 19.70 25.75 50.91
CA GLN C 164 20.07 27.09 51.36
C GLN C 164 21.33 27.54 50.61
N ALA C 165 22.21 26.59 50.29
CA ALA C 165 23.42 26.95 49.56
C ALA C 165 22.99 27.39 48.17
N ALA C 166 21.99 26.70 47.61
CA ALA C 166 21.47 27.06 46.28
C ALA C 166 20.87 28.47 46.35
N VAL C 167 20.15 28.76 47.43
CA VAL C 167 19.57 30.09 47.55
C VAL C 167 20.68 31.12 47.53
N ASP C 168 21.76 30.87 48.29
CA ASP C 168 22.89 31.80 48.34
C ASP C 168 23.50 32.02 46.96
N PHE C 169 23.76 30.94 46.24
CA PHE C 169 24.34 31.05 44.91
C PHE C 169 23.42 31.78 43.93
N TYR C 170 22.13 31.48 43.96
CA TYR C 170 21.20 32.14 43.06
C TYR C 170 21.12 33.64 43.35
N GLU C 171 21.20 34.01 44.62
CA GLU C 171 21.15 35.43 44.99
C GLU C 171 22.40 36.16 44.52
N GLU C 172 23.57 35.53 44.69
CA GLU C 172 24.83 36.14 44.27
C GLU C 172 24.76 36.31 42.76
N ASN C 173 24.27 35.29 42.07
CA ASN C 173 24.15 35.36 40.63
C ASN C 173 23.23 36.52 40.25
N LEU C 174 22.08 36.58 40.91
CA LEU C 174 21.09 37.62 40.66
C LEU C 174 21.68 39.02 40.82
N SER C 175 22.46 39.20 41.87
CA SER C 175 23.08 40.49 42.14
C SER C 175 24.06 40.88 41.03
N LEU C 176 24.90 39.94 40.63
CA LEU C 176 25.88 40.20 39.58
C LEU C 176 25.22 40.39 38.23
N VAL C 177 24.12 39.69 38.00
CA VAL C 177 23.43 39.81 36.73
C VAL C 177 22.59 41.09 36.58
N THR C 178 22.07 41.62 37.69
CA THR C 178 21.29 42.86 37.59
C THR C 178 22.29 44.00 37.43
N ALA C 179 23.50 43.81 37.96
CA ALA C 179 24.56 44.81 37.84
C ALA C 179 25.12 44.80 36.42
N LEU C 180 25.05 43.63 35.76
CA LEU C 180 25.54 43.48 34.38
C LEU C 180 24.47 43.87 33.38
N GLY C 181 23.23 44.02 33.86
CA GLY C 181 22.13 44.39 32.97
C GLY C 181 21.58 43.29 32.09
N ASP C 182 21.87 42.02 32.42
CA ASP C 182 21.35 40.90 31.64
C ASP C 182 19.98 40.53 32.20
N ARG C 183 18.95 41.08 31.58
CA ARG C 183 17.57 40.89 32.00
C ARG C 183 17.08 39.44 31.95
N ALA C 184 17.34 38.75 30.85
CA ALA C 184 16.89 37.36 30.76
C ALA C 184 17.53 36.54 31.86
N ALA C 185 18.83 36.73 32.07
CA ALA C 185 19.54 35.99 33.11
C ALA C 185 18.87 36.26 34.47
N GLN C 186 18.44 37.50 34.69
CA GLN C 186 17.76 37.85 35.93
C GLN C 186 16.50 37.00 36.04
N GLY C 187 15.83 36.80 34.91
CA GLY C 187 14.62 36.01 34.89
C GLY C 187 14.85 34.57 35.28
N ARG C 188 15.91 33.98 34.76
CA ARG C 188 16.23 32.59 35.08
C ARG C 188 16.58 32.46 36.56
N ALA C 189 17.35 33.42 37.06
CA ALA C 189 17.74 33.44 38.45
C ALA C 189 16.50 33.50 39.35
N PHE C 190 15.63 34.48 39.12
CA PHE C 190 14.40 34.60 39.89
C PHE C 190 13.57 33.31 39.91
N GLY C 191 13.46 32.67 38.76
CA GLY C 191 12.70 31.43 38.69
C GLY C 191 13.28 30.36 39.59
N ASN C 192 14.55 30.04 39.41
CA ASN C 192 15.19 29.02 40.22
C ASN C 192 15.26 29.37 41.69
N LEU C 193 15.41 30.66 41.99
CA LEU C 193 15.44 31.08 43.37
C LEU C 193 14.06 30.75 43.94
N GLY C 194 13.03 31.11 43.17
CA GLY C 194 11.67 30.88 43.59
C GLY C 194 11.38 29.43 43.87
N ASN C 195 11.87 28.55 43.02
CA ASN C 195 11.63 27.13 43.22
C ASN C 195 12.42 26.54 44.37
N THR C 196 13.60 27.08 44.64
CA THR C 196 14.40 26.58 45.73
C THR C 196 13.71 26.94 47.05
N HIS C 197 13.26 28.19 47.16
CA HIS C 197 12.56 28.65 48.36
C HIS C 197 11.30 27.81 48.62
N TYR C 198 10.62 27.47 47.53
CA TYR C 198 9.40 26.67 47.59
C TYR C 198 9.71 25.31 48.20
N LEU C 199 10.78 24.68 47.72
CA LEU C 199 11.16 23.37 48.21
C LEU C 199 11.59 23.44 49.66
N LEU C 200 12.16 24.58 50.06
CA LEU C 200 12.62 24.76 51.43
C LEU C 200 11.48 25.02 52.39
N GLY C 201 10.42 25.64 51.89
CA GLY C 201 9.29 25.98 52.74
C GLY C 201 9.21 27.47 53.05
N ASN C 202 9.92 28.29 52.26
CA ASN C 202 9.87 29.75 52.42
C ASN C 202 8.94 30.18 51.29
N PHE C 203 7.65 29.91 51.49
CA PHE C 203 6.64 30.19 50.49
C PHE C 203 6.46 31.64 50.09
N ARG C 204 6.56 32.56 51.03
CA ARG C 204 6.39 33.95 50.65
C ARG C 204 7.55 34.38 49.76
N ASP C 205 8.79 34.12 50.18
CA ASP C 205 9.91 34.51 49.34
C ASP C 205 9.82 33.83 47.98
N ALA C 206 9.18 32.67 47.95
CA ALA C 206 9.00 31.95 46.69
C ALA C 206 8.10 32.83 45.83
N VAL C 207 6.98 33.26 46.42
CA VAL C 207 6.04 34.10 45.71
C VAL C 207 6.72 35.37 45.20
N ILE C 208 7.47 36.02 46.07
CA ILE C 208 8.15 37.24 45.67
C ILE C 208 9.08 37.03 44.49
N ALA C 209 9.84 35.94 44.49
CA ALA C 209 10.78 35.69 43.38
C ALA C 209 10.04 35.39 42.07
N HIS C 210 9.00 34.55 42.14
CA HIS C 210 8.23 34.21 40.96
C HIS C 210 7.53 35.43 40.38
N GLU C 211 7.15 36.38 41.23
CA GLU C 211 6.51 37.59 40.72
C GLU C 211 7.51 38.31 39.80
N GLN C 212 8.77 38.38 40.23
CA GLN C 212 9.77 39.03 39.41
C GLN C 212 9.98 38.22 38.14
N ARG C 213 9.92 36.90 38.26
CA ARG C 213 10.09 36.04 37.10
C ARG C 213 8.97 36.34 36.10
N LEU C 214 7.76 36.49 36.62
CA LEU C 214 6.59 36.77 35.79
C LEU C 214 6.73 38.10 35.07
N LEU C 215 7.11 39.12 35.83
CA LEU C 215 7.29 40.46 35.29
C LEU C 215 8.26 40.46 34.12
N ILE C 216 9.40 39.82 34.32
CA ILE C 216 10.42 39.75 33.28
C ILE C 216 9.97 38.93 32.07
N ALA C 217 9.24 37.84 32.30
CA ALA C 217 8.76 37.00 31.20
C ALA C 217 7.90 37.86 30.27
N LYS C 218 6.95 38.58 30.87
CA LYS C 218 6.09 39.46 30.09
C LYS C 218 6.91 40.41 29.22
N GLU C 219 7.90 41.07 29.82
CA GLU C 219 8.75 41.99 29.09
C GLU C 219 9.29 41.38 27.80
N PHE C 220 9.58 40.08 27.83
CA PHE C 220 10.12 39.39 26.66
C PHE C 220 9.02 38.71 25.84
N GLY C 221 7.77 38.82 26.30
CA GLY C 221 6.68 38.19 25.59
C GLY C 221 6.89 36.68 25.58
N ASP C 222 7.62 36.18 26.58
CA ASP C 222 7.93 34.77 26.73
C ASP C 222 6.75 34.06 27.41
N LYS C 223 5.80 33.58 26.61
CA LYS C 223 4.61 32.91 27.12
C LYS C 223 4.92 31.69 27.98
N ALA C 224 5.86 30.87 27.53
CA ALA C 224 6.24 29.68 28.29
C ALA C 224 6.65 30.06 29.72
N ALA C 225 7.53 31.05 29.85
CA ALA C 225 8.01 31.50 31.14
C ALA C 225 6.88 32.06 32.02
N GLU C 226 6.00 32.82 31.40
CA GLU C 226 4.86 33.43 32.08
C GLU C 226 3.97 32.33 32.66
N ARG C 227 3.79 31.25 31.90
CA ARG C 227 2.97 30.13 32.33
C ARG C 227 3.64 29.41 33.50
N ARG C 228 4.97 29.30 33.45
CA ARG C 228 5.70 28.66 34.53
C ARG C 228 5.55 29.47 35.80
N ALA C 229 5.71 30.78 35.68
CA ALA C 229 5.59 31.67 36.82
C ALA C 229 4.20 31.55 37.46
N TYR C 230 3.16 31.48 36.63
CA TYR C 230 1.81 31.38 37.16
C TYR C 230 1.58 30.09 37.94
N SER C 231 2.06 28.96 37.41
CA SER C 231 1.91 27.69 38.11
C SER C 231 2.65 27.70 39.44
N ASN C 232 3.91 28.11 39.42
CA ASN C 232 4.70 28.16 40.66
C ASN C 232 4.04 29.07 41.69
N LEU C 233 3.49 30.20 41.25
CA LEU C 233 2.83 31.10 42.19
C LEU C 233 1.63 30.40 42.82
N GLY C 234 0.82 29.73 42.00
CA GLY C 234 -0.32 29.02 42.53
C GLY C 234 0.10 28.03 43.60
N ASN C 235 1.07 27.18 43.27
CA ASN C 235 1.57 26.18 44.21
C ASN C 235 2.00 26.83 45.53
N ALA C 236 2.82 27.87 45.44
CA ALA C 236 3.27 28.54 46.65
C ALA C 236 2.07 28.99 47.50
N TYR C 237 1.10 29.66 46.88
CA TYR C 237 -0.06 30.12 47.64
C TYR C 237 -0.86 29.00 48.28
N ILE C 238 -0.96 27.85 47.62
CA ILE C 238 -1.69 26.74 48.22
C ILE C 238 -1.06 26.44 49.58
N PHE C 239 0.27 26.41 49.67
CA PHE C 239 0.92 26.10 50.93
C PHE C 239 0.93 27.24 51.94
N LEU C 240 0.55 28.43 51.51
CA LEU C 240 0.47 29.56 52.42
C LEU C 240 -0.95 29.60 52.99
N GLY C 241 -1.79 28.67 52.52
CA GLY C 241 -3.16 28.60 52.98
C GLY C 241 -4.08 29.63 52.32
N GLU C 242 -3.57 30.32 51.30
CA GLU C 242 -4.34 31.34 50.60
C GLU C 242 -4.90 30.80 49.28
N PHE C 243 -5.84 29.86 49.40
CA PHE C 243 -6.47 29.18 48.26
C PHE C 243 -7.16 30.09 47.26
N GLU C 244 -7.84 31.11 47.76
CA GLU C 244 -8.52 32.04 46.88
C GLU C 244 -7.49 32.61 45.90
N THR C 245 -6.38 33.10 46.45
CA THR C 245 -5.31 33.67 45.64
C THR C 245 -4.71 32.64 44.69
N ALA C 246 -4.59 31.40 45.15
CA ALA C 246 -4.03 30.35 44.31
C ALA C 246 -4.89 30.07 43.08
N SER C 247 -6.20 29.98 43.27
CA SER C 247 -7.10 29.70 42.15
C SER C 247 -6.98 30.75 41.06
N GLU C 248 -6.75 31.99 41.47
CA GLU C 248 -6.59 33.08 40.50
C GLU C 248 -5.39 32.81 39.62
N TYR C 249 -4.32 32.27 40.20
CA TYR C 249 -3.11 31.99 39.43
C TYR C 249 -3.24 30.72 38.60
N TYR C 250 -3.93 29.72 39.13
CA TYR C 250 -4.12 28.49 38.36
C TYR C 250 -5.01 28.84 37.16
N LYS C 251 -5.96 29.75 37.35
CA LYS C 251 -6.83 30.15 36.26
C LYS C 251 -6.02 30.78 35.13
N LYS C 252 -5.02 31.57 35.49
CA LYS C 252 -4.18 32.22 34.49
C LYS C 252 -3.30 31.20 33.79
N THR C 253 -2.85 30.17 34.52
CA THR C 253 -2.02 29.16 33.86
C THR C 253 -2.94 28.40 32.91
N LEU C 254 -4.20 28.25 33.30
CA LEU C 254 -5.17 27.55 32.46
C LEU C 254 -5.38 28.27 31.13
N LEU C 255 -5.67 29.56 31.17
CA LEU C 255 -5.88 30.31 29.93
C LEU C 255 -4.63 30.26 29.04
N LEU C 256 -3.46 30.46 29.64
CA LEU C 256 -2.22 30.44 28.89
C LEU C 256 -1.95 29.07 28.29
N ALA C 257 -2.23 28.02 29.07
CA ALA C 257 -2.02 26.66 28.60
C ALA C 257 -2.92 26.42 27.40
N ARG C 258 -4.14 26.94 27.48
CA ARG C 258 -5.11 26.79 26.41
C ARG C 258 -4.55 27.41 25.13
N GLN C 259 -4.08 28.65 25.24
CA GLN C 259 -3.50 29.36 24.10
C GLN C 259 -2.33 28.59 23.52
N LEU C 260 -1.35 28.28 24.36
CA LEU C 260 -0.16 27.55 23.94
C LEU C 260 -0.54 26.16 23.41
N LYS C 261 -1.81 25.78 23.60
CA LYS C 261 -2.31 24.49 23.15
C LYS C 261 -1.63 23.30 23.80
N ASP C 262 -1.28 23.45 25.09
CA ASP C 262 -0.64 22.36 25.82
C ASP C 262 -1.70 21.63 26.63
N ARG C 263 -2.31 20.63 26.01
CA ARG C 263 -3.35 19.84 26.66
C ARG C 263 -2.94 19.27 28.01
N ALA C 264 -1.75 18.66 28.07
CA ALA C 264 -1.25 18.07 29.32
C ALA C 264 -1.23 19.06 30.48
N VAL C 265 -0.76 20.27 30.21
CA VAL C 265 -0.69 21.30 31.23
C VAL C 265 -2.11 21.73 31.54
N GLU C 266 -2.86 22.03 30.49
CA GLU C 266 -4.25 22.44 30.65
C GLU C 266 -4.96 21.50 31.61
N ALA C 267 -4.88 20.21 31.34
CA ALA C 267 -5.52 19.21 32.20
C ALA C 267 -5.02 19.39 33.62
N GLN C 268 -3.71 19.45 33.77
CA GLN C 268 -3.10 19.61 35.07
C GLN C 268 -3.61 20.87 35.79
N SER C 269 -3.71 21.98 35.06
CA SER C 269 -4.22 23.20 35.65
C SER C 269 -5.61 22.95 36.24
N CYS C 270 -6.45 22.25 35.47
CA CYS C 270 -7.81 21.94 35.90
C CYS C 270 -7.81 21.06 37.14
N TYR C 271 -6.91 20.09 37.20
CA TYR C 271 -6.86 19.20 38.36
C TYR C 271 -6.46 19.96 39.61
N SER C 272 -5.63 20.98 39.44
CA SER C 272 -5.20 21.78 40.57
C SER C 272 -6.32 22.71 41.01
N LEU C 273 -7.07 23.22 40.04
CA LEU C 273 -8.19 24.09 40.36
C LEU C 273 -9.24 23.28 41.10
N GLY C 274 -9.41 22.02 40.69
CA GLY C 274 -10.38 21.16 41.35
C GLY C 274 -10.07 20.97 42.82
N ASN C 275 -8.79 20.75 43.11
CA ASN C 275 -8.34 20.57 44.49
C ASN C 275 -8.42 21.88 45.24
N THR C 276 -8.02 22.96 44.59
CA THR C 276 -8.07 24.26 45.25
C THR C 276 -9.51 24.55 45.70
N TYR C 277 -10.46 24.43 44.78
CA TYR C 277 -11.86 24.69 45.12
C TYR C 277 -12.42 23.76 46.17
N THR C 278 -11.90 22.54 46.23
CA THR C 278 -12.33 21.61 47.25
C THR C 278 -11.88 22.18 48.60
N LEU C 279 -10.63 22.65 48.65
CA LEU C 279 -10.07 23.22 49.87
C LEU C 279 -10.88 24.45 50.29
N LEU C 280 -11.41 25.17 49.30
CA LEU C 280 -12.22 26.34 49.57
C LEU C 280 -13.66 25.91 49.86
N GLN C 281 -13.91 24.60 49.81
CA GLN C 281 -15.23 24.03 50.07
C GLN C 281 -16.28 24.52 49.07
N ASP C 282 -15.89 24.69 47.82
CA ASP C 282 -16.81 25.12 46.78
C ASP C 282 -16.83 23.94 45.80
N TYR C 283 -17.57 22.92 46.18
CA TYR C 283 -17.69 21.69 45.43
C TYR C 283 -18.26 21.80 44.03
N GLU C 284 -19.07 22.81 43.78
CA GLU C 284 -19.64 22.98 42.45
C GLU C 284 -18.50 23.28 41.48
N LYS C 285 -17.64 24.24 41.83
CA LYS C 285 -16.53 24.59 40.97
C LYS C 285 -15.48 23.48 40.95
N ALA C 286 -15.37 22.76 42.05
CA ALA C 286 -14.43 21.65 42.13
C ALA C 286 -14.82 20.59 41.09
N ILE C 287 -16.09 20.25 41.05
CA ILE C 287 -16.59 19.25 40.12
C ILE C 287 -16.43 19.74 38.70
N ASP C 288 -16.70 21.01 38.49
CA ASP C 288 -16.57 21.57 37.16
C ASP C 288 -15.16 21.36 36.61
N TYR C 289 -14.15 21.71 37.41
CA TYR C 289 -12.78 21.56 36.97
C TYR C 289 -12.30 20.11 36.96
N HIS C 290 -12.82 19.29 37.87
CA HIS C 290 -12.42 17.89 37.87
C HIS C 290 -13.01 17.21 36.64
N LEU C 291 -14.15 17.71 36.16
CA LEU C 291 -14.75 17.14 34.97
C LEU C 291 -13.95 17.56 33.73
N LYS C 292 -13.50 18.81 33.69
CA LYS C 292 -12.72 19.27 32.55
C LYS C 292 -11.41 18.48 32.46
N HIS C 293 -10.86 18.13 33.62
CA HIS C 293 -9.62 17.38 33.66
C HIS C 293 -9.82 15.94 33.19
N LEU C 294 -10.87 15.30 33.70
CA LEU C 294 -11.18 13.94 33.30
C LEU C 294 -11.29 13.81 31.78
N ALA C 295 -11.92 14.80 31.14
CA ALA C 295 -12.10 14.78 29.69
C ALA C 295 -10.79 14.83 28.92
N ILE C 296 -9.87 15.68 29.36
CA ILE C 296 -8.58 15.80 28.69
C ILE C 296 -7.76 14.54 28.99
N ALA C 297 -7.85 14.08 30.23
CA ALA C 297 -7.14 12.88 30.66
C ALA C 297 -7.52 11.71 29.78
N GLN C 298 -8.80 11.62 29.46
CA GLN C 298 -9.30 10.54 28.62
C GLN C 298 -8.84 10.74 27.18
N GLU C 299 -8.90 11.99 26.72
CA GLU C 299 -8.47 12.33 25.38
C GLU C 299 -7.03 11.88 25.16
N LEU C 300 -6.15 12.21 26.12
CA LEU C 300 -4.73 11.84 26.03
C LEU C 300 -4.49 10.43 26.51
N ASN C 301 -5.56 9.71 26.80
CA ASN C 301 -5.47 8.33 27.27
C ASN C 301 -4.59 8.18 28.52
N ASP C 302 -4.53 9.23 29.32
CA ASP C 302 -3.75 9.20 30.56
C ASP C 302 -4.60 8.41 31.53
N ARG C 303 -4.53 7.09 31.42
CA ARG C 303 -5.31 6.20 32.25
C ARG C 303 -5.13 6.45 33.74
N ILE C 304 -3.89 6.60 34.19
CA ILE C 304 -3.64 6.85 35.62
C ILE C 304 -4.36 8.14 36.04
N GLY C 305 -4.34 9.12 35.13
CA GLY C 305 -5.00 10.39 35.38
C GLY C 305 -6.49 10.24 35.59
N GLU C 306 -7.14 9.45 34.75
CA GLU C 306 -8.58 9.21 34.87
C GLU C 306 -8.92 8.68 36.25
N GLY C 307 -8.09 7.77 36.76
CA GLY C 307 -8.32 7.20 38.07
C GLY C 307 -8.33 8.26 39.15
N ARG C 308 -7.37 9.18 39.05
CA ARG C 308 -7.26 10.28 40.01
C ARG C 308 -8.52 11.13 39.92
N ALA C 309 -8.94 11.41 38.68
CA ALA C 309 -10.13 12.21 38.41
C ALA C 309 -11.37 11.54 39.01
N CYS C 310 -11.53 10.25 38.76
CA CYS C 310 -12.67 9.53 39.29
C CYS C 310 -12.62 9.53 40.81
N TRP C 311 -11.41 9.43 41.35
CA TRP C 311 -11.21 9.44 42.79
C TRP C 311 -11.62 10.81 43.34
N SER C 312 -11.15 11.87 42.71
CA SER C 312 -11.48 13.23 43.15
C SER C 312 -12.97 13.52 42.96
N LEU C 313 -13.53 13.05 41.84
CA LEU C 313 -14.94 13.28 41.57
C LEU C 313 -15.82 12.62 42.61
N GLY C 314 -15.51 11.36 42.91
CA GLY C 314 -16.29 10.64 43.90
C GLY C 314 -16.37 11.37 45.22
N ASN C 315 -15.23 11.88 45.69
CA ASN C 315 -15.24 12.60 46.96
C ASN C 315 -16.10 13.84 46.85
N ALA C 316 -15.92 14.59 45.77
CA ALA C 316 -16.69 15.81 45.57
C ALA C 316 -18.21 15.54 45.59
N TYR C 317 -18.66 14.58 44.80
CA TYR C 317 -20.08 14.25 44.74
C TYR C 317 -20.58 13.79 46.10
N THR C 318 -19.76 13.01 46.79
CA THR C 318 -20.13 12.49 48.10
C THR C 318 -20.29 13.62 49.11
N ALA C 319 -19.51 14.67 48.94
CA ALA C 319 -19.59 15.81 49.84
C ALA C 319 -20.89 16.58 49.62
N LEU C 320 -21.38 16.57 48.39
CA LEU C 320 -22.61 17.27 48.04
C LEU C 320 -23.87 16.44 48.26
N GLY C 321 -23.70 15.15 48.53
CA GLY C 321 -24.82 14.27 48.77
C GLY C 321 -25.34 13.61 47.49
N ASN C 322 -24.66 13.85 46.38
CA ASN C 322 -25.05 13.27 45.10
C ASN C 322 -24.50 11.84 45.03
N HIS C 323 -25.04 10.99 45.90
CA HIS C 323 -24.61 9.61 46.05
C HIS C 323 -24.50 8.69 44.84
N ASP C 324 -25.49 8.62 43.96
CA ASP C 324 -25.31 7.71 42.82
C ASP C 324 -24.33 8.25 41.79
N GLN C 325 -24.11 9.56 41.80
CA GLN C 325 -23.16 10.15 40.87
C GLN C 325 -21.80 9.80 41.47
N ALA C 326 -21.74 9.79 42.79
CA ALA C 326 -20.52 9.45 43.50
C ALA C 326 -20.16 8.00 43.25
N MET C 327 -21.14 7.12 43.45
CA MET C 327 -20.94 5.70 43.26
C MET C 327 -20.47 5.39 41.86
N HIS C 328 -21.00 6.12 40.88
CA HIS C 328 -20.58 5.86 39.52
C HIS C 328 -19.07 6.00 39.38
N PHE C 329 -18.54 7.07 39.97
CA PHE C 329 -17.11 7.31 39.89
C PHE C 329 -16.29 6.51 40.87
N ALA C 330 -16.90 6.09 41.97
CA ALA C 330 -16.19 5.28 42.94
C ALA C 330 -15.89 3.95 42.25
N GLU C 331 -16.86 3.45 41.49
CA GLU C 331 -16.68 2.19 40.77
C GLU C 331 -15.60 2.33 39.68
N LYS C 332 -15.68 3.41 38.91
CA LYS C 332 -14.69 3.66 37.87
C LYS C 332 -13.32 3.75 38.52
N HIS C 333 -13.31 4.20 39.78
CA HIS C 333 -12.08 4.32 40.53
C HIS C 333 -11.51 2.93 40.80
N LEU C 334 -12.36 2.04 41.33
CA LEU C 334 -11.96 0.68 41.62
C LEU C 334 -11.47 -0.03 40.35
N GLU C 335 -12.18 0.18 39.24
CA GLU C 335 -11.81 -0.45 37.98
C GLU C 335 -10.41 -0.02 37.55
N ILE C 336 -10.22 1.27 37.29
CA ILE C 336 -8.93 1.78 36.88
C ILE C 336 -7.81 1.37 37.85
N SER C 337 -8.05 1.54 39.13
CA SER C 337 -7.06 1.18 40.15
C SER C 337 -6.50 -0.22 39.95
N ARG C 338 -7.34 -1.13 39.49
CA ARG C 338 -6.92 -2.50 39.27
C ARG C 338 -6.14 -2.59 37.96
N GLU C 339 -6.67 -1.97 36.92
CA GLU C 339 -6.04 -1.98 35.61
C GLU C 339 -4.61 -1.45 35.60
N VAL C 340 -4.25 -0.64 36.59
CA VAL C 340 -2.89 -0.11 36.63
C VAL C 340 -2.08 -0.61 37.82
N GLY C 341 -2.66 -1.52 38.58
CA GLY C 341 -1.96 -2.09 39.72
C GLY C 341 -1.84 -1.23 40.96
N ASP C 342 -2.58 -0.12 41.03
CA ASP C 342 -2.51 0.74 42.20
C ASP C 342 -3.26 0.03 43.34
N LYS C 343 -2.54 -0.76 44.12
CA LYS C 343 -3.14 -1.50 45.23
C LYS C 343 -3.83 -0.60 46.25
N SER C 344 -3.23 0.55 46.55
CA SER C 344 -3.80 1.47 47.53
C SER C 344 -5.08 2.11 47.01
N GLY C 345 -5.11 2.36 45.70
CA GLY C 345 -6.29 2.96 45.09
C GLY C 345 -7.44 1.96 45.11
N GLU C 346 -7.11 0.70 44.83
CA GLU C 346 -8.10 -0.36 44.83
C GLU C 346 -8.66 -0.54 46.23
N LEU C 347 -7.81 -0.33 47.22
CA LEU C 347 -8.20 -0.46 48.61
C LEU C 347 -9.14 0.66 49.02
N THR C 348 -8.68 1.90 48.85
CA THR C 348 -9.49 3.06 49.21
C THR C 348 -10.77 3.13 48.36
N ALA C 349 -10.70 2.65 47.13
CA ALA C 349 -11.86 2.66 46.25
C ALA C 349 -12.94 1.71 46.75
N ARG C 350 -12.52 0.48 47.10
CA ARG C 350 -13.43 -0.52 47.61
C ARG C 350 -14.11 -0.03 48.88
N LEU C 351 -13.34 0.59 49.77
CA LEU C 351 -13.89 1.11 51.02
C LEU C 351 -15.02 2.08 50.72
N ASN C 352 -14.78 3.01 49.81
CA ASN C 352 -15.77 4.01 49.44
C ASN C 352 -17.02 3.39 48.82
N LEU C 353 -16.86 2.33 48.04
CA LEU C 353 -17.99 1.69 47.40
C LEU C 353 -19.04 1.14 48.37
N SER C 354 -18.59 0.52 49.46
CA SER C 354 -19.52 -0.04 50.44
C SER C 354 -20.38 1.01 51.14
N ASP C 355 -19.76 2.07 51.63
CA ASP C 355 -20.48 3.13 52.31
C ASP C 355 -21.56 3.70 51.40
N LEU C 356 -21.22 3.88 50.13
CA LEU C 356 -22.16 4.40 49.17
C LEU C 356 -23.26 3.40 48.88
N GLN C 357 -22.87 2.14 48.66
CA GLN C 357 -23.84 1.08 48.35
C GLN C 357 -24.88 0.87 49.45
N MET C 358 -24.44 0.91 50.71
CA MET C 358 -25.36 0.74 51.84
C MET C 358 -26.41 1.84 51.83
N VAL C 359 -25.94 3.08 51.84
CA VAL C 359 -26.84 4.22 51.84
C VAL C 359 -27.53 4.30 50.48
N GLN D 7 -24.90 -15.19 2.38
CA GLN D 7 -24.86 -13.74 2.75
C GLN D 7 -23.74 -13.03 1.96
N VAL D 8 -24.06 -12.60 0.76
CA VAL D 8 -23.07 -11.97 -0.09
C VAL D 8 -22.92 -10.46 -0.03
N ASP D 9 -23.89 -9.73 0.51
CA ASP D 9 -23.76 -8.27 0.50
C ASP D 9 -22.42 -7.72 0.97
N SER D 10 -21.95 -8.11 2.16
CA SER D 10 -20.67 -7.64 2.68
C SER D 10 -19.48 -8.07 1.81
N VAL D 11 -19.51 -9.29 1.30
CA VAL D 11 -18.42 -9.76 0.46
C VAL D 11 -18.43 -9.03 -0.89
N GLN D 12 -19.63 -8.70 -1.36
CA GLN D 12 -19.80 -8.00 -2.62
C GLN D 12 -19.15 -6.62 -2.55
N ARG D 13 -19.39 -5.93 -1.43
CA ARG D 13 -18.83 -4.61 -1.22
C ARG D 13 -17.32 -4.71 -1.13
N TRP D 14 -16.83 -5.82 -0.58
CA TRP D 14 -15.40 -6.05 -0.44
C TRP D 14 -14.77 -6.24 -1.82
N MET D 15 -15.40 -7.03 -2.68
CA MET D 15 -14.85 -7.25 -4.02
C MET D 15 -14.87 -5.96 -4.84
N GLU D 16 -15.92 -5.17 -4.68
CA GLU D 16 -16.05 -3.91 -5.39
C GLU D 16 -14.88 -2.98 -5.09
N ASP D 17 -14.43 -2.96 -3.84
CA ASP D 17 -13.29 -2.11 -3.47
C ASP D 17 -12.01 -2.77 -3.99
N LEU D 18 -11.86 -4.05 -3.69
CA LEU D 18 -10.69 -4.82 -4.09
C LEU D 18 -10.37 -4.66 -5.57
N LYS D 19 -11.42 -4.49 -6.37
CA LYS D 19 -11.29 -4.35 -7.81
C LYS D 19 -10.45 -3.15 -8.23
N LEU D 20 -10.45 -2.11 -7.39
CA LEU D 20 -9.71 -0.88 -7.66
C LEU D 20 -8.41 -0.77 -6.86
N MET D 21 -8.18 -1.74 -5.98
CA MET D 21 -7.00 -1.72 -5.15
C MET D 21 -5.72 -2.30 -5.76
N THR D 22 -4.64 -1.51 -5.71
CA THR D 22 -3.35 -1.93 -6.22
C THR D 22 -2.25 -1.50 -5.24
N GLU D 23 -1.19 -2.29 -5.14
CA GLU D 23 -0.03 -1.99 -4.29
C GLU D 23 1.04 -1.63 -5.31
N CYS D 24 1.03 -0.39 -5.77
CA CYS D 24 1.99 0.01 -6.79
C CYS D 24 3.42 0.24 -6.36
N GLU D 25 4.31 0.23 -7.34
CA GLU D 25 5.72 0.51 -7.12
C GLU D 25 5.81 2.03 -7.28
N CYS D 26 7.02 2.58 -7.20
CA CYS D 26 7.15 4.03 -7.33
C CYS D 26 6.53 4.52 -8.64
N MET D 27 5.66 5.51 -8.50
CA MET D 27 4.94 6.10 -9.63
C MET D 27 5.50 7.48 -9.97
N CYS D 28 6.46 7.94 -9.18
CA CYS D 28 7.05 9.26 -9.39
C CYS D 28 8.56 9.25 -9.32
N VAL D 29 9.22 8.87 -10.40
CA VAL D 29 10.66 8.83 -10.43
C VAL D 29 11.25 10.17 -10.88
N LEU D 30 11.90 10.86 -9.95
CA LEU D 30 12.51 12.15 -10.24
C LEU D 30 14.02 11.99 -10.38
N GLN D 31 14.61 12.85 -11.21
CA GLN D 31 16.05 12.83 -11.42
C GLN D 31 16.66 14.09 -10.84
N ALA D 32 17.82 13.96 -10.21
CA ALA D 32 18.47 15.08 -9.57
C ALA D 32 19.65 15.64 -10.35
N LYS D 33 19.85 16.95 -10.20
CA LYS D 33 20.97 17.63 -10.82
C LYS D 33 21.83 18.07 -9.65
N PRO D 34 22.76 17.20 -9.22
CA PRO D 34 23.65 17.53 -8.10
C PRO D 34 24.38 18.84 -8.24
N ILE D 35 24.64 19.48 -7.12
CA ILE D 35 25.38 20.73 -7.11
C ILE D 35 26.76 20.35 -6.57
N SER D 36 26.78 19.68 -5.42
CA SER D 36 28.03 19.24 -4.82
C SER D 36 28.79 18.37 -5.82
N LEU D 37 30.04 18.75 -6.08
CA LEU D 37 30.86 18.01 -7.03
C LEU D 37 31.43 16.72 -6.41
N GLU D 38 31.19 16.52 -5.12
CA GLU D 38 31.71 15.34 -4.43
C GLU D 38 31.09 14.03 -4.89
N GLU D 39 31.94 13.04 -5.10
CA GLU D 39 31.50 11.71 -5.53
C GLU D 39 30.75 11.04 -4.40
N ASP D 40 30.77 11.66 -3.23
CA ASP D 40 30.09 11.12 -2.05
C ASP D 40 28.59 11.04 -2.29
N ALA D 41 28.10 11.77 -3.28
CA ALA D 41 26.68 11.73 -3.60
C ALA D 41 26.44 12.26 -5.03
N GLN D 42 26.69 11.35 -5.96
CA GLN D 42 26.52 11.51 -7.40
C GLN D 42 25.32 10.68 -7.85
N GLY D 43 24.37 10.51 -6.94
CA GLY D 43 23.18 9.76 -7.22
C GLY D 43 22.07 10.68 -7.67
N ASP D 44 21.41 10.34 -8.77
CA ASP D 44 20.37 11.19 -9.32
C ASP D 44 18.95 10.64 -9.30
N LEU D 45 18.74 9.50 -8.64
CA LEU D 45 17.40 8.92 -8.59
C LEU D 45 16.60 9.17 -7.33
N ILE D 46 15.45 9.83 -7.48
CA ILE D 46 14.58 10.09 -6.34
C ILE D 46 13.26 9.35 -6.56
N LEU D 47 13.02 8.33 -5.75
CA LEU D 47 11.79 7.55 -5.85
C LEU D 47 10.76 8.18 -4.92
N ALA D 48 10.15 9.27 -5.36
CA ALA D 48 9.15 9.97 -4.56
C ALA D 48 7.78 9.31 -4.67
N GLY D 49 6.96 9.50 -3.65
CA GLY D 49 5.63 8.93 -3.64
C GLY D 49 4.56 9.96 -3.95
N GLY D 50 3.95 9.84 -5.12
CA GLY D 50 2.91 10.77 -5.50
C GLY D 50 1.73 10.73 -4.56
N PRO D 51 0.91 11.79 -4.54
CA PRO D 51 -0.28 11.90 -3.67
C PRO D 51 -0.81 10.54 -3.22
N PRO E 2 -15.97 -15.21 -9.73
CA PRO E 2 -16.33 -14.72 -8.37
C PRO E 2 -17.84 -14.49 -8.27
N LEU E 3 -18.47 -14.28 -9.42
CA LEU E 3 -19.91 -14.07 -9.49
C LEU E 3 -20.57 -15.43 -9.58
N GLY E 4 -19.74 -16.47 -9.69
CA GLY E 4 -20.24 -17.83 -9.79
C GLY E 4 -20.54 -18.46 -8.45
N SER E 5 -19.54 -18.49 -7.56
CA SER E 5 -19.69 -19.06 -6.22
C SER E 5 -20.90 -18.50 -5.48
N MET E 6 -21.18 -17.22 -5.69
CA MET E 6 -22.31 -16.55 -5.08
C MET E 6 -23.48 -16.55 -6.08
N GLN E 7 -23.76 -17.74 -6.65
CA GLN E 7 -24.84 -17.87 -7.62
C GLN E 7 -25.55 -19.23 -7.64
N VAL E 8 -26.72 -19.28 -8.27
CA VAL E 8 -27.53 -20.48 -8.39
C VAL E 8 -26.85 -21.62 -9.15
N ASP E 9 -27.21 -22.86 -8.83
CA ASP E 9 -26.57 -24.02 -9.45
C ASP E 9 -26.54 -24.06 -10.98
N SER E 10 -27.68 -23.85 -11.63
CA SER E 10 -27.71 -23.87 -13.08
C SER E 10 -26.74 -22.85 -13.68
N VAL E 11 -26.73 -21.65 -13.12
CA VAL E 11 -25.82 -20.61 -13.60
C VAL E 11 -24.37 -21.02 -13.35
N GLN E 12 -24.11 -21.63 -12.19
CA GLN E 12 -22.75 -22.07 -11.88
C GLN E 12 -22.28 -23.09 -12.90
N ARG E 13 -23.16 -24.01 -13.28
CA ARG E 13 -22.77 -25.01 -14.26
C ARG E 13 -22.48 -24.34 -15.60
N TRP E 14 -23.39 -23.48 -16.04
CA TRP E 14 -23.22 -22.77 -17.29
C TRP E 14 -21.84 -22.12 -17.35
N MET E 15 -21.45 -21.50 -16.26
CA MET E 15 -20.17 -20.82 -16.17
C MET E 15 -18.97 -21.74 -16.16
N GLU E 16 -19.05 -22.85 -15.43
CA GLU E 16 -17.92 -23.76 -15.39
C GLU E 16 -17.67 -24.26 -16.81
N ASP E 17 -18.73 -24.47 -17.58
CA ASP E 17 -18.58 -24.96 -18.95
C ASP E 17 -18.00 -23.84 -19.79
N LEU E 18 -18.52 -22.64 -19.55
CA LEU E 18 -18.11 -21.46 -20.28
C LEU E 18 -16.61 -21.20 -20.20
N LYS E 19 -16.04 -21.39 -19.00
CA LYS E 19 -14.61 -21.17 -18.80
C LYS E 19 -13.79 -21.97 -19.79
N LEU E 20 -14.33 -23.08 -20.27
CA LEU E 20 -13.61 -23.93 -21.20
C LEU E 20 -14.02 -23.79 -22.65
N MET E 21 -15.19 -23.21 -22.88
CA MET E 21 -15.70 -23.04 -24.24
C MET E 21 -14.97 -21.97 -25.06
N THR E 22 -14.58 -22.35 -26.27
CA THR E 22 -13.91 -21.43 -27.16
C THR E 22 -14.41 -21.71 -28.57
N GLU E 23 -14.54 -20.66 -29.38
CA GLU E 23 -14.95 -20.81 -30.77
C GLU E 23 -13.65 -20.53 -31.49
N CYS E 24 -12.85 -21.58 -31.63
CA CYS E 24 -11.55 -21.46 -32.26
C CYS E 24 -11.55 -21.31 -33.78
N GLU E 25 -10.38 -20.92 -34.29
CA GLU E 25 -10.18 -20.78 -35.72
C GLU E 25 -9.63 -22.14 -36.14
N CYS E 26 -9.21 -22.28 -37.40
CA CYS E 26 -8.66 -23.55 -37.86
C CYS E 26 -7.42 -23.93 -37.04
N MET E 27 -7.46 -25.11 -36.43
CA MET E 27 -6.33 -25.57 -35.61
C MET E 27 -5.47 -26.61 -36.31
N CYS E 28 -5.79 -26.91 -37.57
CA CYS E 28 -5.02 -27.90 -38.32
C CYS E 28 -4.73 -27.44 -39.74
N VAL E 29 -3.69 -26.62 -39.90
CA VAL E 29 -3.34 -26.13 -41.22
C VAL E 29 -2.43 -27.14 -41.92
N LEU E 30 -2.96 -27.80 -42.95
CA LEU E 30 -2.22 -28.80 -43.72
C LEU E 30 -1.76 -28.18 -45.03
N GLN E 31 -0.60 -28.61 -45.50
CA GLN E 31 -0.07 -28.11 -46.77
C GLN E 31 -0.13 -29.21 -47.81
N ALA E 32 -0.49 -28.85 -49.04
CA ALA E 32 -0.60 -29.82 -50.12
C ALA E 32 0.53 -29.72 -51.15
N LYS E 33 0.82 -30.87 -51.76
CA LYS E 33 1.85 -30.94 -52.79
C LYS E 33 1.16 -31.24 -54.12
N PRO E 34 0.96 -30.21 -54.94
CA PRO E 34 0.31 -30.32 -56.26
C PRO E 34 0.92 -31.37 -57.18
N ILE E 35 0.09 -31.97 -58.02
CA ILE E 35 0.54 -32.97 -58.98
C ILE E 35 0.60 -32.32 -60.36
N SER E 36 -0.31 -31.37 -60.58
CA SER E 36 -0.38 -30.64 -61.84
C SER E 36 0.01 -29.18 -61.61
N LEU E 45 -2.52 -25.76 -49.47
CA LEU E 45 -2.99 -25.07 -48.27
C LEU E 45 -4.42 -25.47 -47.94
N ILE E 46 -4.58 -26.33 -46.93
CA ILE E 46 -5.89 -26.81 -46.52
C ILE E 46 -6.18 -26.45 -45.06
N LEU E 47 -7.39 -25.94 -44.81
CA LEU E 47 -7.80 -25.58 -43.45
C LEU E 47 -8.76 -26.64 -42.94
N ALA E 48 -8.21 -27.79 -42.54
CA ALA E 48 -9.03 -28.90 -42.05
C ALA E 48 -9.36 -28.83 -40.56
N GLY E 49 -10.30 -29.67 -40.15
CA GLY E 49 -10.69 -29.73 -38.74
C GLY E 49 -10.43 -31.13 -38.21
N GLY E 50 -9.43 -31.26 -37.35
CA GLY E 50 -9.09 -32.57 -36.80
C GLY E 50 -10.17 -33.17 -35.92
N MET F 6 -7.76 20.92 54.05
CA MET F 6 -8.58 19.67 54.10
C MET F 6 -7.71 18.43 53.98
N GLN F 7 -7.92 17.47 54.87
CA GLN F 7 -7.17 16.22 54.87
C GLN F 7 -7.93 15.14 54.08
N VAL F 8 -8.65 15.56 53.05
CA VAL F 8 -9.40 14.65 52.19
C VAL F 8 -8.40 13.84 51.40
N ASP F 9 -8.44 12.52 51.58
CA ASP F 9 -7.52 11.59 50.92
C ASP F 9 -7.02 12.00 49.53
N SER F 10 -7.91 12.32 48.62
CA SER F 10 -7.46 12.70 47.27
C SER F 10 -6.73 14.04 47.21
N VAL F 11 -7.14 14.97 48.08
CA VAL F 11 -6.54 16.29 48.14
C VAL F 11 -5.19 16.22 48.84
N GLN F 12 -5.10 15.38 49.86
CA GLN F 12 -3.86 15.25 50.59
C GLN F 12 -2.83 14.63 49.66
N ARG F 13 -3.25 13.65 48.88
CA ARG F 13 -2.38 12.97 47.94
C ARG F 13 -1.87 14.00 46.94
N TRP F 14 -2.78 14.86 46.51
CA TRP F 14 -2.47 15.92 45.56
C TRP F 14 -1.41 16.87 46.12
N MET F 15 -1.59 17.27 47.38
CA MET F 15 -0.66 18.18 48.03
C MET F 15 0.73 17.58 48.21
N GLU F 16 0.78 16.29 48.53
CA GLU F 16 2.04 15.59 48.68
C GLU F 16 2.84 15.66 47.37
N ASP F 17 2.16 15.48 46.24
CA ASP F 17 2.83 15.53 44.95
C ASP F 17 3.23 16.96 44.66
N LEU F 18 2.33 17.89 45.02
CA LEU F 18 2.54 19.30 44.79
C LEU F 18 3.77 19.81 45.54
N LYS F 19 3.89 19.36 46.77
CA LYS F 19 4.98 19.74 47.66
C LYS F 19 6.37 19.59 47.02
N LEU F 20 6.48 18.66 46.08
CA LEU F 20 7.76 18.40 45.41
C LEU F 20 7.82 18.93 43.98
N MET F 21 6.72 19.45 43.48
CA MET F 21 6.68 19.94 42.11
C MET F 21 7.24 21.33 41.86
N THR F 22 7.89 21.49 40.71
CA THR F 22 8.47 22.78 40.33
C THR F 22 8.51 22.92 38.82
N GLU F 23 8.43 24.14 38.34
CA GLU F 23 8.49 24.43 36.91
C GLU F 23 9.79 25.22 36.83
N CYS F 24 10.88 24.49 36.65
CA CYS F 24 12.19 25.10 36.64
C CYS F 24 12.62 25.85 35.40
N GLU F 25 13.64 26.67 35.58
CA GLU F 25 14.24 27.43 34.50
C GLU F 25 15.36 26.51 34.05
N CYS F 26 16.08 26.88 33.00
CA CYS F 26 17.19 26.05 32.52
C CYS F 26 18.15 25.66 33.65
N MET F 27 18.32 24.36 33.85
CA MET F 27 19.19 23.85 34.91
C MET F 27 20.53 23.37 34.36
N CYS F 28 20.71 23.45 33.04
CA CYS F 28 21.95 23.00 32.42
C CYS F 28 22.53 24.03 31.45
N VAL F 29 23.37 24.92 31.95
CA VAL F 29 23.96 25.91 31.09
C VAL F 29 25.38 25.51 30.68
N LEU F 30 25.58 25.33 29.39
CA LEU F 30 26.87 24.95 28.82
C LEU F 30 27.54 26.15 28.14
N GLN F 31 28.86 26.19 28.18
CA GLN F 31 29.58 27.26 27.51
C GLN F 31 30.29 26.65 26.33
N ALA F 32 30.38 27.39 25.24
CA ALA F 32 31.02 26.89 24.04
C ALA F 32 32.36 27.53 23.78
N LYS F 33 33.21 26.76 23.11
CA LYS F 33 34.53 27.21 22.72
C LYS F 33 34.49 27.30 21.20
N PRO F 34 34.29 28.52 20.68
CA PRO F 34 34.22 28.76 19.24
C PRO F 34 35.46 28.34 18.45
N ILE F 35 35.23 27.84 17.24
CA ILE F 35 36.32 27.44 16.37
C ILE F 35 36.46 28.53 15.30
N SER F 36 35.31 29.05 14.87
CA SER F 36 35.28 30.11 13.87
C SER F 36 35.72 31.41 14.51
N LEU F 37 36.45 32.23 13.73
CA LEU F 37 36.95 33.50 14.22
C LEU F 37 35.94 34.62 13.94
N GLU F 38 34.95 34.32 13.10
CA GLU F 38 33.93 35.30 12.76
C GLU F 38 33.17 35.73 14.00
N GLU F 39 33.29 37.01 14.35
CA GLU F 39 32.66 37.59 15.52
C GLU F 39 31.25 37.09 15.84
N ASP F 40 30.31 37.39 14.97
CA ASP F 40 28.91 36.99 15.16
C ASP F 40 28.66 35.48 15.04
N ALA F 41 29.73 34.69 15.05
CA ALA F 41 29.62 33.23 14.97
C ALA F 41 30.22 32.60 16.23
N GLN F 42 30.06 33.29 17.37
CA GLN F 42 30.58 32.83 18.65
C GLN F 42 29.51 32.79 19.74
N GLY F 43 28.47 31.98 19.53
CA GLY F 43 27.41 31.87 20.53
C GLY F 43 27.90 30.99 21.66
N ASP F 44 28.58 31.61 22.63
CA ASP F 44 29.16 30.91 23.78
C ASP F 44 28.21 30.27 24.80
N LEU F 45 27.02 30.84 24.99
CA LEU F 45 26.12 30.28 25.98
C LEU F 45 25.04 29.35 25.39
N ILE F 46 24.93 28.16 25.96
CA ILE F 46 23.96 27.16 25.53
C ILE F 46 23.00 26.83 26.66
N LEU F 47 21.70 27.07 26.45
CA LEU F 47 20.71 26.76 27.46
C LEU F 47 20.16 25.38 27.11
N ALA F 48 20.74 24.35 27.71
CA ALA F 48 20.31 22.98 27.44
C ALA F 48 19.29 22.48 28.45
N GLY F 49 18.59 21.42 28.10
CA GLY F 49 17.60 20.84 28.99
C GLY F 49 17.91 19.39 29.31
N GLY F 50 18.55 19.16 30.45
CA GLY F 50 18.91 17.81 30.86
C GLY F 50 17.72 16.87 30.93
N PRO F 51 17.97 15.59 31.29
CA PRO F 51 16.95 14.53 31.41
C PRO F 51 15.68 14.90 32.18
#